data_1BDF
#
_entry.id   1BDF
#
_cell.length_a   117.200
_cell.length_b   117.200
_cell.length_c   350.400
_cell.angle_alpha   90.00
_cell.angle_beta   90.00
_cell.angle_gamma   120.00
#
_symmetry.space_group_name_H-M   'H 3 2'
#
loop_
_entity.id
_entity.type
_entity.pdbx_description
1 polymer 'RNA POLYMERASE ALPHA SUBUNIT'
2 water water
#
_entity_poly.entity_id   1
_entity_poly.type   'polypeptide(L)'
_entity_poly.pdbx_seq_one_letter_code
;MQGSVTEFLKPRLVDIEQVSSTHAKVTLEPLERGFGHTLGNALRAILLSSMPGCAVTEVEIDGVLHEYSTKEGVQEDILE
ILLNLKGLAVRVQGKDEVILTLNKSGIGPVTAADITHDGDVEIVKPQHVICHLTDENASISMRIKVQRGRGYVPASTRIH
SEEDERPIGRLLVDACYSPVERIAYNVEAARVEQRTDLDKLVIEMETNGTIDPEEAIRRAATILAEQLEAFVDLR
;
_entity_poly.pdbx_strand_id   A,B,C,D
#
# COMPACT_ATOMS: atom_id res chain seq x y z
N GLN A 2 4.96 -1.10 -9.65
CA GLN A 2 5.14 -1.65 -11.03
C GLN A 2 6.60 -1.95 -11.28
N GLY A 3 6.86 -3.06 -11.98
CA GLY A 3 8.22 -3.43 -12.33
C GLY A 3 8.75 -2.34 -13.24
N SER A 4 7.94 -1.96 -14.23
CA SER A 4 8.28 -0.90 -15.17
C SER A 4 9.57 -1.16 -15.97
N VAL A 5 9.85 -0.23 -16.88
CA VAL A 5 11.03 -0.24 -17.74
C VAL A 5 10.89 -0.85 -19.15
N THR A 6 10.68 0.05 -20.12
CA THR A 6 10.56 -0.28 -21.55
C THR A 6 9.66 -1.43 -22.00
N GLU A 7 8.52 -1.08 -22.59
CA GLU A 7 7.55 -2.07 -23.12
C GLU A 7 6.77 -1.43 -24.26
N PHE A 8 6.69 -0.10 -24.23
CA PHE A 8 6.00 0.69 -25.24
C PHE A 8 6.95 1.17 -26.33
N LEU A 9 6.41 1.32 -27.55
CA LEU A 9 7.21 1.84 -28.66
C LEU A 9 7.28 3.36 -28.59
N LYS A 10 8.45 3.87 -28.27
CA LYS A 10 8.68 5.29 -28.17
C LYS A 10 8.89 5.90 -29.57
N PRO A 11 8.27 7.06 -29.84
CA PRO A 11 8.38 7.75 -31.13
C PRO A 11 9.63 8.62 -31.21
N ARG A 12 10.01 8.96 -32.44
CA ARG A 12 11.16 9.82 -32.66
C ARG A 12 10.97 10.63 -33.94
N LEU A 13 11.56 11.83 -33.98
CA LEU A 13 11.46 12.70 -35.16
C LEU A 13 12.07 11.94 -36.31
N VAL A 14 11.19 11.55 -37.23
CA VAL A 14 11.59 10.73 -38.35
C VAL A 14 11.71 11.44 -39.71
N ASP A 15 11.14 12.63 -39.83
CA ASP A 15 11.16 13.34 -41.11
C ASP A 15 10.73 14.77 -40.89
N ILE A 16 11.22 15.68 -41.74
CA ILE A 16 10.86 17.10 -41.70
C ILE A 16 10.63 17.63 -43.11
N GLU A 17 9.41 18.03 -43.40
CA GLU A 17 9.07 18.55 -44.72
C GLU A 17 8.75 20.05 -44.66
N GLN A 18 9.74 20.86 -44.99
CA GLN A 18 9.58 22.32 -44.98
C GLN A 18 8.78 22.75 -46.20
N VAL A 19 7.47 22.90 -46.02
CA VAL A 19 6.59 23.34 -47.10
C VAL A 19 7.04 24.73 -47.59
N SER A 20 7.69 25.46 -46.70
CA SER A 20 8.21 26.78 -47.00
C SER A 20 9.18 27.15 -45.89
N SER A 21 9.57 28.42 -45.86
CA SER A 21 10.49 28.94 -44.87
C SER A 21 9.90 28.98 -43.47
N THR A 22 8.57 29.06 -43.39
CA THR A 22 7.88 29.13 -42.12
C THR A 22 6.73 28.12 -41.94
N HIS A 23 6.67 27.11 -42.80
CA HIS A 23 5.65 26.09 -42.70
C HIS A 23 6.30 24.73 -42.92
N ALA A 24 6.22 23.85 -41.92
CA ALA A 24 6.80 22.53 -42.00
C ALA A 24 5.86 21.42 -41.53
N LYS A 25 6.26 20.19 -41.79
CA LYS A 25 5.50 19.01 -41.40
C LYS A 25 6.43 18.01 -40.75
N VAL A 26 6.45 18.00 -39.42
CA VAL A 26 7.29 17.08 -38.66
C VAL A 26 6.51 15.80 -38.36
N THR A 27 7.21 14.66 -38.40
CA THR A 27 6.57 13.38 -38.15
C THR A 27 7.35 12.49 -37.18
N LEU A 28 6.72 12.19 -36.04
CA LEU A 28 7.29 11.33 -35.01
C LEU A 28 6.63 10.00 -35.38
N GLU A 29 7.41 8.92 -35.54
CA GLU A 29 6.79 7.68 -36.00
C GLU A 29 6.37 6.50 -35.14
N PRO A 30 7.30 5.69 -34.61
CA PRO A 30 6.80 4.56 -33.80
C PRO A 30 5.86 5.06 -32.72
N LEU A 31 4.56 4.93 -32.98
CA LEU A 31 3.56 5.37 -32.03
C LEU A 31 2.54 4.28 -31.80
N GLU A 32 2.50 3.77 -30.57
CA GLU A 32 1.54 2.73 -30.18
C GLU A 32 0.14 3.35 -30.33
N ARG A 33 -0.85 2.52 -30.65
CA ARG A 33 -2.21 3.03 -30.80
C ARG A 33 -2.62 3.95 -29.67
N GLY A 34 -3.27 5.05 -30.04
CA GLY A 34 -3.74 6.01 -29.06
C GLY A 34 -2.72 7.07 -28.64
N PHE A 35 -1.44 6.82 -28.88
CA PHE A 35 -0.42 7.77 -28.50
C PHE A 35 -0.26 8.94 -29.48
N GLY A 36 -0.81 8.80 -30.69
CA GLY A 36 -0.74 9.87 -31.67
C GLY A 36 -1.44 11.09 -31.11
N HIS A 37 -2.71 10.93 -30.75
CA HIS A 37 -3.50 12.00 -30.20
C HIS A 37 -3.07 12.42 -28.83
N THR A 38 -2.52 11.51 -28.05
CA THR A 38 -2.14 11.87 -26.68
C THR A 38 -0.99 12.87 -26.70
N LEU A 39 0.04 12.55 -27.49
CA LEU A 39 1.18 13.43 -27.62
C LEU A 39 0.78 14.61 -28.52
N GLY A 40 0.03 14.32 -29.57
CA GLY A 40 -0.42 15.34 -30.49
C GLY A 40 -1.15 16.50 -29.83
N ASN A 41 -2.02 16.20 -28.87
CA ASN A 41 -2.78 17.22 -28.17
C ASN A 41 -1.93 17.87 -27.09
N ALA A 42 -1.04 17.09 -26.48
CA ALA A 42 -0.18 17.61 -25.43
C ALA A 42 0.73 18.66 -26.02
N LEU A 43 1.41 18.27 -27.10
CA LEU A 43 2.34 19.14 -27.83
C LEU A 43 1.64 20.34 -28.45
N ARG A 44 0.56 20.10 -29.19
CA ARG A 44 -0.17 21.19 -29.82
C ARG A 44 -0.54 22.29 -28.82
N ALA A 45 -0.72 21.93 -27.56
CA ALA A 45 -1.07 22.91 -26.54
C ALA A 45 0.15 23.66 -26.07
N ILE A 46 1.28 22.97 -26.02
CA ILE A 46 2.53 23.61 -25.58
C ILE A 46 3.03 24.57 -26.68
N LEU A 47 3.00 24.09 -27.92
CA LEU A 47 3.44 24.84 -29.08
C LEU A 47 2.59 26.08 -29.27
N LEU A 48 1.28 25.91 -29.16
CA LEU A 48 0.36 27.02 -29.31
C LEU A 48 0.29 28.04 -28.15
N SER A 49 1.15 27.93 -27.14
CA SER A 49 1.01 28.89 -26.05
C SER A 49 2.19 29.04 -25.10
N SER A 50 3.06 28.03 -25.07
CA SER A 50 4.18 28.06 -24.14
C SER A 50 5.54 28.24 -24.76
N MET A 51 5.56 28.53 -26.05
CA MET A 51 6.83 28.74 -26.74
C MET A 51 7.36 30.13 -26.44
N PRO A 52 8.69 30.25 -26.22
CA PRO A 52 9.43 31.48 -25.92
C PRO A 52 9.41 32.53 -27.05
N GLY A 53 10.55 32.69 -27.70
CA GLY A 53 10.62 33.66 -28.77
C GLY A 53 10.86 35.10 -28.37
N CYS A 54 11.79 35.71 -29.10
CA CYS A 54 12.19 37.10 -28.93
C CYS A 54 11.21 38.05 -29.64
N ALA A 55 11.04 39.23 -29.07
CA ALA A 55 10.15 40.23 -29.62
C ALA A 55 10.56 41.64 -29.27
N VAL A 56 10.31 42.55 -30.20
CA VAL A 56 10.60 43.97 -30.01
C VAL A 56 9.58 44.50 -29.02
N THR A 57 10.07 45.15 -27.98
CA THR A 57 9.19 45.69 -26.95
C THR A 57 9.21 47.21 -26.87
N GLU A 58 10.38 47.80 -27.16
CA GLU A 58 10.56 49.25 -27.12
C GLU A 58 11.44 49.67 -28.27
N VAL A 59 11.35 50.95 -28.64
CA VAL A 59 12.13 51.53 -29.72
C VAL A 59 12.41 52.99 -29.36
N GLU A 60 13.63 53.42 -29.62
CA GLU A 60 14.00 54.80 -29.32
C GLU A 60 14.50 55.44 -30.61
N ILE A 61 13.61 56.17 -31.29
CA ILE A 61 13.96 56.82 -32.54
C ILE A 61 14.41 58.26 -32.27
N ASP A 62 15.51 58.67 -32.87
CA ASP A 62 16.02 60.04 -32.69
C ASP A 62 15.06 61.07 -33.27
N GLY A 63 14.77 62.11 -32.47
CA GLY A 63 13.87 63.17 -32.90
C GLY A 63 12.40 62.90 -32.67
N VAL A 64 12.03 61.64 -32.53
CA VAL A 64 10.65 61.25 -32.27
C VAL A 64 10.34 61.15 -30.79
N LEU A 65 9.21 61.72 -30.36
CA LEU A 65 8.83 61.66 -28.97
C LEU A 65 7.63 60.76 -28.68
N HIS A 66 6.51 61.08 -29.31
CA HIS A 66 5.28 60.34 -29.11
C HIS A 66 4.91 59.61 -30.39
N GLU A 67 3.98 58.67 -30.29
CA GLU A 67 3.51 57.91 -31.43
C GLU A 67 2.80 58.83 -32.43
N TYR A 68 2.26 59.94 -31.92
CA TYR A 68 1.56 60.92 -32.75
C TYR A 68 2.50 61.68 -33.70
N SER A 69 3.79 61.38 -33.61
CA SER A 69 4.77 62.02 -34.48
C SER A 69 4.82 61.32 -35.83
N THR A 70 5.25 62.06 -36.82
CA THR A 70 5.44 61.57 -38.18
C THR A 70 6.86 62.03 -38.40
N LYS A 71 7.56 61.49 -39.39
CA LYS A 71 8.91 61.98 -39.56
C LYS A 71 9.31 62.67 -40.84
N GLU A 72 10.15 63.68 -40.65
CA GLU A 72 10.72 64.46 -41.71
C GLU A 72 11.72 63.55 -42.40
N GLY A 73 11.33 63.10 -43.58
CA GLY A 73 12.17 62.23 -44.38
C GLY A 73 11.78 60.78 -44.42
N VAL A 74 10.68 60.42 -43.76
CA VAL A 74 10.22 59.03 -43.73
C VAL A 74 8.79 58.89 -44.25
N GLN A 75 8.61 58.00 -45.22
CA GLN A 75 7.33 57.74 -45.86
C GLN A 75 6.20 57.46 -44.88
N GLU A 76 6.36 56.41 -44.07
CA GLU A 76 5.34 56.00 -43.11
C GLU A 76 5.42 56.70 -41.75
N ASP A 77 4.27 56.88 -41.10
CA ASP A 77 4.25 57.55 -39.80
C ASP A 77 4.81 56.64 -38.73
N ILE A 78 5.26 57.22 -37.62
CA ILE A 78 5.85 56.47 -36.51
C ILE A 78 5.06 55.24 -36.08
N LEU A 79 3.73 55.34 -36.08
CA LEU A 79 2.88 54.22 -35.72
C LEU A 79 3.12 53.09 -36.69
N GLU A 80 3.14 53.40 -37.97
CA GLU A 80 3.38 52.40 -39.00
C GLU A 80 4.74 51.76 -38.81
N ILE A 81 5.69 52.54 -38.29
CA ILE A 81 7.05 52.01 -38.09
C ILE A 81 7.04 51.01 -36.93
N LEU A 82 6.32 51.33 -35.87
CA LEU A 82 6.21 50.45 -34.70
C LEU A 82 5.50 49.15 -35.10
N LEU A 83 4.51 49.27 -35.98
CA LEU A 83 3.77 48.12 -36.50
C LEU A 83 4.71 47.28 -37.36
N ASN A 84 5.70 47.95 -37.97
CA ASN A 84 6.70 47.28 -38.82
C ASN A 84 7.69 46.58 -37.91
N LEU A 85 8.02 47.22 -36.79
CA LEU A 85 8.96 46.67 -35.83
C LEU A 85 8.42 45.43 -35.14
N LYS A 86 7.09 45.35 -35.03
CA LYS A 86 6.45 44.19 -34.41
C LYS A 86 6.76 42.91 -35.19
N GLY A 87 6.82 43.05 -36.50
CA GLY A 87 7.12 41.92 -37.35
C GLY A 87 8.60 41.64 -37.49
N LEU A 88 9.41 42.20 -36.59
CA LEU A 88 10.84 41.96 -36.67
C LEU A 88 11.07 40.60 -36.02
N ALA A 89 11.38 39.60 -36.85
CA ALA A 89 11.66 38.26 -36.38
C ALA A 89 13.16 38.14 -36.13
N VAL A 90 13.53 38.03 -34.86
CA VAL A 90 14.92 37.90 -34.44
C VAL A 90 15.12 36.67 -33.53
N ARG A 91 16.22 35.95 -33.76
CA ARG A 91 16.57 34.77 -32.98
C ARG A 91 17.86 35.11 -32.25
N VAL A 92 17.81 35.28 -30.94
CA VAL A 92 19.02 35.62 -30.17
C VAL A 92 19.59 34.46 -29.35
N GLN A 93 20.92 34.39 -29.32
CA GLN A 93 21.67 33.34 -28.64
C GLN A 93 21.19 32.92 -27.26
N GLY A 94 21.77 33.54 -26.23
CA GLY A 94 21.41 33.20 -24.88
C GLY A 94 21.33 34.49 -24.10
N LYS A 95 20.26 35.22 -24.38
CA LYS A 95 19.99 36.48 -23.71
C LYS A 95 18.50 36.76 -23.71
N ASP A 96 18.09 37.57 -22.75
CA ASP A 96 16.69 37.89 -22.63
C ASP A 96 16.43 39.34 -22.97
N GLU A 97 17.45 39.98 -23.53
CA GLU A 97 17.35 41.37 -23.94
C GLU A 97 18.60 41.79 -24.69
N VAL A 98 18.37 42.30 -25.89
CA VAL A 98 19.43 42.77 -26.74
C VAL A 98 18.97 44.06 -27.39
N ILE A 99 19.87 45.04 -27.44
CA ILE A 99 19.57 46.32 -28.07
C ILE A 99 20.11 46.31 -29.49
N LEU A 100 19.24 46.59 -30.44
CA LEU A 100 19.65 46.62 -31.84
C LEU A 100 19.71 48.08 -32.32
N THR A 101 20.79 48.44 -33.00
CA THR A 101 20.93 49.80 -33.49
C THR A 101 20.72 49.83 -35.01
N LEU A 102 19.95 50.79 -35.47
CA LEU A 102 19.66 50.91 -36.89
C LEU A 102 19.94 52.33 -37.34
N ASN A 103 21.06 52.50 -38.04
CA ASN A 103 21.43 53.80 -38.58
C ASN A 103 21.26 53.67 -40.10
N LYS A 104 20.52 54.58 -40.70
CA LYS A 104 20.33 54.52 -42.14
C LYS A 104 20.00 55.85 -42.81
N SER A 105 20.87 56.25 -43.74
CA SER A 105 20.67 57.48 -44.49
C SER A 105 20.65 57.11 -45.94
N GLY A 106 19.72 57.70 -46.68
CA GLY A 106 19.60 57.41 -48.09
C GLY A 106 18.16 57.42 -48.53
N ILE A 107 17.91 57.03 -49.76
CA ILE A 107 16.56 56.96 -50.29
C ILE A 107 16.35 55.48 -50.45
N GLY A 108 15.12 55.05 -50.23
CA GLY A 108 14.82 53.64 -50.35
C GLY A 108 14.42 53.06 -49.02
N PRO A 109 14.13 51.75 -48.98
CA PRO A 109 13.70 51.01 -47.79
C PRO A 109 14.79 50.73 -46.79
N VAL A 110 14.45 50.92 -45.52
CA VAL A 110 15.35 50.63 -44.41
C VAL A 110 14.83 49.28 -43.96
N THR A 111 15.53 48.23 -44.35
CA THR A 111 15.15 46.87 -44.01
C THR A 111 15.89 46.34 -42.78
N ALA A 112 15.49 45.15 -42.32
CA ALA A 112 16.11 44.55 -41.13
C ALA A 112 17.58 44.24 -41.37
N ALA A 113 17.97 44.22 -42.64
CA ALA A 113 19.37 43.95 -43.02
C ALA A 113 20.26 45.14 -42.69
N ASP A 114 19.65 46.30 -42.50
CA ASP A 114 20.41 47.50 -42.18
C ASP A 114 20.72 47.64 -40.69
N ILE A 115 20.14 46.75 -39.89
CA ILE A 115 20.37 46.77 -38.44
C ILE A 115 21.82 46.36 -38.19
N THR A 116 22.48 47.07 -37.29
CA THR A 116 23.88 46.79 -36.96
C THR A 116 24.09 45.36 -36.52
N HIS A 117 24.88 44.66 -37.33
CA HIS A 117 25.22 43.27 -37.12
C HIS A 117 25.80 42.96 -35.75
N ASP A 118 24.97 42.35 -34.92
CA ASP A 118 25.36 41.92 -33.58
C ASP A 118 25.68 40.43 -33.71
N GLY A 119 26.76 40.02 -33.04
CA GLY A 119 27.19 38.64 -33.09
C GLY A 119 26.16 37.60 -32.66
N ASP A 120 25.47 37.90 -31.56
CA ASP A 120 24.46 37.00 -31.04
C ASP A 120 23.24 37.01 -31.95
N VAL A 121 22.71 38.20 -32.17
CA VAL A 121 21.51 38.37 -32.98
C VAL A 121 21.55 37.80 -34.37
N GLU A 122 20.52 37.02 -34.66
CA GLU A 122 20.32 36.41 -35.97
C GLU A 122 19.05 37.06 -36.48
N ILE A 123 19.12 37.64 -37.67
CA ILE A 123 17.97 38.28 -38.28
C ILE A 123 17.36 37.36 -39.32
N VAL A 124 16.21 36.81 -38.97
CA VAL A 124 15.50 35.87 -39.79
C VAL A 124 15.10 36.33 -41.18
N LYS A 125 14.48 37.51 -41.28
CA LYS A 125 14.09 38.01 -42.58
C LYS A 125 14.73 39.38 -42.79
N PRO A 126 15.97 39.42 -43.29
CA PRO A 126 16.70 40.68 -43.52
C PRO A 126 15.99 41.63 -44.48
N GLN A 127 15.20 41.07 -45.37
CA GLN A 127 14.46 41.84 -46.36
C GLN A 127 13.20 42.44 -45.75
N HIS A 128 13.08 42.37 -44.43
CA HIS A 128 11.92 42.91 -43.74
C HIS A 128 12.03 44.42 -43.65
N VAL A 129 11.12 45.09 -44.34
CA VAL A 129 11.08 46.56 -44.36
C VAL A 129 10.59 47.19 -43.05
N ILE A 130 11.40 48.07 -42.48
CA ILE A 130 11.04 48.77 -41.26
C ILE A 130 10.68 50.21 -41.61
N CYS A 131 11.33 50.74 -42.65
CA CYS A 131 11.15 52.14 -43.07
C CYS A 131 11.28 52.41 -44.57
N HIS A 132 11.13 53.69 -44.90
CA HIS A 132 11.26 54.21 -46.26
C HIS A 132 11.64 55.67 -46.14
N LEU A 133 12.92 55.97 -46.38
CA LEU A 133 13.41 57.33 -46.33
C LEU A 133 13.16 57.98 -47.69
N THR A 134 12.39 59.06 -47.68
CA THR A 134 12.01 59.79 -48.88
C THR A 134 13.11 60.62 -49.55
N ASP A 135 13.63 61.63 -48.88
CA ASP A 135 14.69 62.44 -49.49
C ASP A 135 16.06 61.88 -49.20
N GLU A 136 17.05 62.26 -50.00
CA GLU A 136 18.40 61.75 -49.84
C GLU A 136 19.22 62.39 -48.72
N ASN A 137 18.59 63.32 -48.02
CA ASN A 137 19.20 63.93 -46.84
C ASN A 137 18.46 63.42 -45.61
N ALA A 138 17.59 62.42 -45.83
CA ALA A 138 16.79 61.82 -44.76
C ALA A 138 17.56 60.67 -44.14
N SER A 139 17.34 60.46 -42.84
CA SER A 139 18.00 59.39 -42.12
C SER A 139 17.33 59.07 -40.78
N ILE A 140 17.38 57.79 -40.38
CA ILE A 140 16.83 57.35 -39.10
C ILE A 140 17.93 56.69 -38.30
N SER A 141 17.90 56.92 -36.99
CA SER A 141 18.85 56.33 -36.07
C SER A 141 18.02 55.91 -34.85
N MET A 142 17.83 54.60 -34.69
CA MET A 142 17.03 54.07 -33.59
C MET A 142 17.65 52.86 -32.93
N ARG A 143 17.32 52.67 -31.66
CA ARG A 143 17.78 51.53 -30.86
C ARG A 143 16.52 50.73 -30.55
N ILE A 144 16.43 49.56 -31.19
CA ILE A 144 15.31 48.64 -31.06
C ILE A 144 15.57 47.61 -29.94
N LYS A 145 14.70 47.60 -28.93
CA LYS A 145 14.87 46.65 -27.84
C LYS A 145 14.15 45.35 -28.13
N VAL A 146 14.90 44.25 -28.11
CA VAL A 146 14.36 42.93 -28.37
C VAL A 146 14.47 42.10 -27.07
N GLN A 147 13.33 41.62 -26.58
CA GLN A 147 13.32 40.80 -25.35
C GLN A 147 12.75 39.39 -25.52
N ARG A 148 13.16 38.51 -24.61
CA ARG A 148 12.68 37.11 -24.60
C ARG A 148 11.47 37.03 -23.67
N GLY A 149 10.45 36.33 -24.12
CA GLY A 149 9.26 36.18 -23.31
C GLY A 149 8.35 35.09 -23.82
N ARG A 150 7.08 35.16 -23.41
CA ARG A 150 6.07 34.18 -23.81
C ARG A 150 4.74 34.84 -24.20
N GLY A 151 4.11 34.27 -25.22
CA GLY A 151 2.83 34.77 -25.67
C GLY A 151 2.77 36.20 -26.16
N TYR A 152 1.57 36.64 -26.45
CA TYR A 152 1.35 37.99 -26.93
C TYR A 152 1.10 38.93 -25.77
N VAL A 153 2.10 39.77 -25.49
CA VAL A 153 2.04 40.76 -24.44
C VAL A 153 2.00 42.19 -24.98
N PRO A 154 0.79 42.75 -25.18
CA PRO A 154 0.47 44.09 -25.68
C PRO A 154 1.25 45.23 -25.05
N ALA A 155 1.26 46.39 -25.71
CA ALA A 155 1.98 47.56 -25.20
C ALA A 155 1.29 48.16 -23.98
N SER A 156 -0.01 47.93 -23.88
CA SER A 156 -0.80 48.43 -22.75
C SER A 156 -0.46 47.72 -21.44
N THR A 157 0.32 46.63 -21.54
CA THR A 157 0.75 45.88 -20.36
C THR A 157 2.02 46.54 -19.82
N ARG A 158 2.26 47.78 -20.27
CA ARG A 158 3.43 48.57 -19.86
C ARG A 158 3.01 50.03 -19.64
N ILE A 159 2.01 50.46 -20.39
CA ILE A 159 1.51 51.82 -20.31
C ILE A 159 0.01 51.82 -20.59
N GLU A 165 11.66 64.40 -16.16
CA GLU A 165 10.40 65.21 -16.07
C GLU A 165 9.14 64.37 -16.29
N ARG A 166 8.59 64.43 -17.51
CA ARG A 166 7.38 63.70 -17.84
C ARG A 166 7.64 62.37 -18.53
N PRO A 167 7.86 62.43 -19.85
CA PRO A 167 8.13 61.25 -20.66
C PRO A 167 9.60 60.84 -20.67
N ILE A 168 9.83 59.55 -20.95
CA ILE A 168 11.16 58.94 -20.99
C ILE A 168 11.76 59.19 -22.38
N GLY A 169 12.44 58.17 -22.92
CA GLY A 169 13.03 58.29 -24.24
C GLY A 169 11.87 58.25 -25.24
N ARG A 170 11.38 57.05 -25.53
CA ARG A 170 10.27 56.90 -26.46
C ARG A 170 9.76 55.49 -26.72
N LEU A 171 8.66 55.48 -27.47
CA LEU A 171 7.91 54.35 -27.99
C LEU A 171 8.00 52.91 -27.48
N LEU A 172 6.83 52.30 -27.41
CA LEU A 172 6.61 50.91 -27.02
C LEU A 172 5.87 50.22 -28.16
N VAL A 173 6.18 48.96 -28.38
CA VAL A 173 5.53 48.19 -29.44
C VAL A 173 4.96 46.87 -28.90
N ASP A 174 3.76 46.51 -29.38
CA ASP A 174 3.06 45.29 -28.98
C ASP A 174 3.92 44.08 -29.24
N ALA A 175 4.16 43.29 -28.19
CA ALA A 175 5.02 42.10 -28.28
C ALA A 175 4.33 40.78 -28.62
N CYS A 176 4.74 40.17 -29.71
CA CYS A 176 4.18 38.89 -30.15
C CYS A 176 5.33 37.92 -29.98
N TYR A 177 5.59 37.56 -28.73
CA TYR A 177 6.69 36.65 -28.39
C TYR A 177 6.62 35.24 -28.97
N SER A 178 5.41 34.71 -29.06
CA SER A 178 5.18 33.37 -29.57
C SER A 178 5.91 33.07 -30.88
N PRO A 179 6.89 32.15 -30.86
CA PRO A 179 7.67 31.77 -32.05
C PRO A 179 6.85 30.96 -33.03
N VAL A 180 5.63 30.58 -32.63
CA VAL A 180 4.76 29.77 -33.48
C VAL A 180 3.38 30.38 -33.71
N GLU A 181 2.91 30.36 -34.95
CA GLU A 181 1.61 30.95 -35.30
C GLU A 181 0.45 29.99 -35.18
N ARG A 182 0.56 28.87 -35.87
CA ARG A 182 -0.51 27.89 -35.81
C ARG A 182 0.04 26.48 -35.80
N ILE A 183 -0.73 25.55 -35.21
CA ILE A 183 -0.37 24.13 -35.12
C ILE A 183 -1.55 23.25 -35.53
N ALA A 184 -1.22 22.13 -36.17
CA ALA A 184 -2.21 21.17 -36.62
C ALA A 184 -1.54 19.80 -36.55
N TYR A 185 -2.30 18.74 -36.30
CA TYR A 185 -1.70 17.40 -36.27
C TYR A 185 -2.65 16.36 -36.83
N ASN A 186 -2.07 15.28 -37.34
CA ASN A 186 -2.81 14.16 -37.90
C ASN A 186 -2.14 12.91 -37.37
N VAL A 187 -2.94 11.89 -37.05
CA VAL A 187 -2.39 10.66 -36.50
C VAL A 187 -1.95 9.58 -37.46
N GLU A 188 -2.63 9.42 -38.60
CA GLU A 188 -2.24 8.44 -39.63
C GLU A 188 -1.56 7.12 -39.23
N ALA A 189 -2.07 6.02 -39.75
CA ALA A 189 -1.45 4.75 -39.43
C ALA A 189 -0.03 4.69 -40.01
N ALA A 190 0.94 4.35 -39.18
CA ALA A 190 2.32 4.21 -39.62
C ALA A 190 2.40 2.83 -40.25
N ARG A 191 3.32 2.66 -41.20
CA ARG A 191 3.47 1.38 -41.85
C ARG A 191 4.83 0.79 -41.51
N VAL A 192 5.32 1.13 -40.32
CA VAL A 192 6.61 0.66 -39.82
C VAL A 192 6.77 -0.83 -40.05
N GLU A 193 7.91 -1.18 -40.68
CA GLU A 193 8.25 -2.54 -41.05
C GLU A 193 8.70 -3.47 -39.91
N GLN A 194 7.96 -3.43 -38.80
CA GLN A 194 8.22 -4.27 -37.63
C GLN A 194 6.94 -5.00 -37.29
N ARG A 195 5.95 -4.22 -36.83
CA ARG A 195 4.62 -4.76 -36.46
C ARG A 195 3.54 -4.12 -37.35
N THR A 196 2.32 -3.98 -36.82
CA THR A 196 1.24 -3.42 -37.63
C THR A 196 0.23 -2.51 -36.92
N ASP A 197 0.08 -2.65 -35.61
CA ASP A 197 -0.87 -1.79 -34.91
C ASP A 197 -0.10 -0.59 -34.34
N LEU A 198 0.35 0.27 -35.25
CA LEU A 198 1.13 1.47 -34.98
C LEU A 198 0.74 2.66 -35.88
N ASP A 199 0.85 3.86 -35.29
CA ASP A 199 0.55 5.12 -35.97
C ASP A 199 1.80 5.98 -36.07
N LYS A 200 1.67 7.14 -36.70
CA LYS A 200 2.75 8.10 -36.87
C LYS A 200 2.10 9.46 -36.74
N LEU A 201 2.58 10.28 -35.82
CA LEU A 201 2.00 11.61 -35.61
C LEU A 201 2.64 12.68 -36.52
N VAL A 202 1.80 13.29 -37.34
CA VAL A 202 2.27 14.33 -38.23
C VAL A 202 1.88 15.71 -37.72
N ILE A 203 2.86 16.44 -37.21
CA ILE A 203 2.63 17.78 -36.69
C ILE A 203 2.97 18.83 -37.77
N GLU A 204 1.93 19.54 -38.19
CA GLU A 204 2.05 20.59 -39.20
C GLU A 204 2.28 21.91 -38.47
N MET A 205 3.40 22.55 -38.79
CA MET A 205 3.79 23.80 -38.16
C MET A 205 3.85 25.01 -39.14
N GLU A 206 3.47 26.17 -38.63
CA GLU A 206 3.52 27.42 -39.38
C GLU A 206 4.17 28.38 -38.40
N THR A 207 5.49 28.48 -38.50
CA THR A 207 6.28 29.31 -37.60
C THR A 207 6.54 30.70 -38.17
N ASN A 208 7.26 31.53 -37.44
CA ASN A 208 7.61 32.86 -37.91
C ASN A 208 9.06 32.85 -38.41
N GLY A 209 9.62 31.66 -38.52
CA GLY A 209 10.98 31.51 -38.99
C GLY A 209 12.04 31.57 -37.92
N THR A 210 11.74 32.26 -36.83
CA THR A 210 12.70 32.38 -35.74
C THR A 210 12.96 31.09 -35.00
N ILE A 211 12.20 30.04 -35.31
CA ILE A 211 12.37 28.75 -34.66
C ILE A 211 12.29 27.60 -35.66
N ASP A 212 13.19 26.63 -35.49
CA ASP A 212 13.24 25.45 -36.36
C ASP A 212 12.17 24.48 -35.92
N PRO A 213 11.56 23.75 -36.86
CA PRO A 213 10.51 22.77 -36.55
C PRO A 213 10.91 21.76 -35.48
N GLU A 214 12.01 21.03 -35.70
CA GLU A 214 12.48 20.06 -34.74
C GLU A 214 12.76 20.66 -33.36
N GLU A 215 13.31 21.86 -33.30
CA GLU A 215 13.60 22.47 -31.99
C GLU A 215 12.34 22.97 -31.31
N ALA A 216 11.31 23.21 -32.12
CA ALA A 216 10.03 23.66 -31.61
C ALA A 216 9.38 22.47 -30.89
N ILE A 217 9.60 21.29 -31.46
CA ILE A 217 9.06 20.06 -30.91
C ILE A 217 9.84 19.66 -29.67
N ARG A 218 11.17 19.70 -29.76
CA ARG A 218 12.02 19.33 -28.65
C ARG A 218 11.92 20.27 -27.46
N ARG A 219 11.31 21.42 -27.66
CA ARG A 219 11.12 22.40 -26.60
C ARG A 219 9.72 22.20 -25.98
N ALA A 220 8.79 21.73 -26.81
CA ALA A 220 7.42 21.45 -26.40
C ALA A 220 7.46 20.23 -25.50
N ALA A 221 8.18 19.21 -25.96
CA ALA A 221 8.34 17.99 -25.22
C ALA A 221 9.04 18.29 -23.89
N THR A 222 10.04 19.15 -23.93
CA THR A 222 10.79 19.51 -22.72
C THR A 222 9.93 20.25 -21.68
N ILE A 223 8.98 21.06 -22.14
CA ILE A 223 8.12 21.78 -21.22
C ILE A 223 7.17 20.78 -20.58
N LEU A 224 6.72 19.82 -21.40
CA LEU A 224 5.81 18.77 -20.96
C LEU A 224 6.49 17.89 -19.91
N ALA A 225 7.57 17.24 -20.30
CA ALA A 225 8.36 16.38 -19.42
C ALA A 225 8.75 17.04 -18.10
N GLU A 226 9.08 18.34 -18.16
CA GLU A 226 9.48 19.03 -16.95
C GLU A 226 8.32 19.36 -16.02
N GLN A 227 7.10 19.36 -16.56
CA GLN A 227 5.92 19.61 -15.74
C GLN A 227 5.67 18.39 -14.86
N LEU A 228 6.02 17.22 -15.41
CA LEU A 228 5.87 15.91 -14.78
C LEU A 228 7.02 15.52 -13.87
N GLU A 229 7.99 16.39 -13.66
CA GLU A 229 9.14 16.07 -12.82
C GLU A 229 8.85 15.59 -11.39
N ALA A 230 7.76 16.06 -10.80
CA ALA A 230 7.40 15.65 -9.44
C ALA A 230 6.68 14.29 -9.40
N PHE A 231 6.44 13.69 -10.57
CA PHE A 231 5.74 12.41 -10.63
C PHE A 231 6.58 11.40 -11.41
N VAL A 232 7.89 11.57 -11.42
CA VAL A 232 8.71 10.63 -12.16
C VAL A 232 9.77 9.88 -11.36
N MET B 1 16.86 28.89 -14.88
CA MET B 1 16.32 29.69 -13.76
C MET B 1 17.08 31.02 -13.60
N GLN B 2 18.42 30.94 -13.59
CA GLN B 2 19.26 32.13 -13.47
C GLN B 2 19.38 32.82 -14.82
N GLY B 3 19.87 32.08 -15.82
CA GLY B 3 19.98 32.63 -17.16
C GLY B 3 18.57 32.72 -17.72
N SER B 4 17.70 31.88 -17.16
CA SER B 4 16.29 31.76 -17.51
C SER B 4 15.94 31.13 -18.85
N VAL B 5 15.34 29.96 -18.75
CA VAL B 5 14.88 29.19 -19.90
C VAL B 5 13.46 28.77 -19.52
N THR B 6 13.28 28.61 -18.21
CA THR B 6 12.02 28.17 -17.60
C THR B 6 10.83 29.09 -17.77
N GLU B 7 10.65 30.05 -16.87
CA GLU B 7 9.52 30.99 -16.96
C GLU B 7 8.19 30.25 -16.80
N PHE B 8 8.24 29.09 -16.14
CA PHE B 8 7.03 28.29 -15.92
C PHE B 8 6.95 27.49 -14.60
N LEU B 9 5.81 27.65 -13.90
CA LEU B 9 5.52 26.99 -12.63
C LEU B 9 5.17 25.52 -12.82
N LYS B 10 5.91 24.64 -12.14
CA LYS B 10 5.71 23.20 -12.26
C LYS B 10 4.74 22.64 -11.23
N PRO B 11 3.75 21.88 -11.70
CA PRO B 11 2.79 21.34 -10.73
C PRO B 11 3.37 20.18 -9.92
N ARG B 12 2.77 19.93 -8.77
CA ARG B 12 3.19 18.85 -7.92
C ARG B 12 2.00 18.31 -7.14
N LEU B 13 2.04 17.02 -6.81
CA LEU B 13 0.97 16.38 -6.07
C LEU B 13 0.88 17.09 -4.72
N VAL B 14 -0.21 17.82 -4.56
CA VAL B 14 -0.42 18.65 -3.40
C VAL B 14 -1.38 18.11 -2.35
N ASP B 15 -2.22 17.15 -2.72
CA ASP B 15 -3.23 16.66 -1.80
C ASP B 15 -3.84 15.37 -2.32
N ILE B 16 -4.26 14.50 -1.41
CA ILE B 16 -4.89 13.24 -1.80
C ILE B 16 -6.13 13.00 -0.94
N GLU B 17 -7.31 12.96 -1.54
CA GLU B 17 -8.53 12.74 -0.80
C GLU B 17 -9.14 11.40 -1.17
N GLN B 18 -8.89 10.39 -0.33
CA GLN B 18 -9.42 9.05 -0.55
C GLN B 18 -10.90 9.00 -0.18
N VAL B 19 -11.76 9.20 -1.18
CA VAL B 19 -13.20 9.16 -0.96
C VAL B 19 -13.59 7.80 -0.40
N SER B 20 -12.77 6.80 -0.72
CA SER B 20 -12.97 5.44 -0.26
C SER B 20 -11.68 4.67 -0.49
N SER B 21 -11.76 3.35 -0.33
CA SER B 21 -10.60 2.48 -0.52
C SER B 21 -10.15 2.40 -1.98
N THR B 22 -11.07 2.67 -2.90
CA THR B 22 -10.76 2.61 -4.31
C THR B 22 -11.15 3.85 -5.12
N HIS B 23 -11.49 4.93 -4.42
CA HIS B 23 -11.85 6.18 -5.09
C HIS B 23 -11.14 7.33 -4.41
N ALA B 24 -10.33 8.06 -5.17
CA ALA B 24 -9.59 9.18 -4.61
C ALA B 24 -9.62 10.40 -5.52
N LYS B 25 -9.17 11.52 -4.96
CA LYS B 25 -9.09 12.79 -5.66
C LYS B 25 -7.69 13.39 -5.46
N VAL B 26 -6.84 13.24 -6.47
CA VAL B 26 -5.49 13.77 -6.42
C VAL B 26 -5.49 15.16 -7.04
N THR B 27 -4.71 16.08 -6.48
CA THR B 27 -4.61 17.43 -7.00
C THR B 27 -3.17 17.94 -7.19
N LEU B 28 -2.81 18.24 -8.44
CA LEU B 28 -1.49 18.78 -8.80
C LEU B 28 -1.81 20.28 -8.84
N GLU B 29 -1.04 21.12 -8.14
CA GLU B 29 -1.42 22.51 -8.09
C GLU B 29 -0.83 23.64 -8.93
N PRO B 30 0.40 24.11 -8.64
CA PRO B 30 0.86 25.20 -9.50
C PRO B 30 0.75 24.79 -10.96
N LEU B 31 -0.29 25.30 -11.62
CA LEU B 31 -0.51 25.03 -13.04
C LEU B 31 -0.79 26.32 -13.78
N GLU B 32 0.11 26.64 -14.70
CA GLU B 32 -0.01 27.83 -15.53
C GLU B 32 -1.26 27.65 -16.37
N ARG B 33 -1.93 28.74 -16.73
CA ARG B 33 -3.14 28.65 -17.55
C ARG B 33 -2.97 27.73 -18.74
N GLY B 34 -3.99 26.90 -18.95
CA GLY B 34 -3.98 25.96 -20.06
C GLY B 34 -3.31 24.63 -19.80
N PHE B 35 -2.46 24.58 -18.77
CA PHE B 35 -1.78 23.34 -18.44
C PHE B 35 -2.63 22.31 -17.69
N GLY B 36 -3.74 22.75 -17.14
CA GLY B 36 -4.62 21.84 -16.43
C GLY B 36 -5.12 20.80 -17.42
N HIS B 37 -5.75 21.26 -18.49
CA HIS B 37 -6.27 20.35 -19.50
C HIS B 37 -5.20 19.63 -20.30
N THR B 38 -4.04 20.26 -20.48
CA THR B 38 -2.97 19.62 -21.25
C THR B 38 -2.48 18.37 -20.56
N LEU B 39 -2.14 18.50 -19.27
CA LEU B 39 -1.68 17.36 -18.49
C LEU B 39 -2.89 16.46 -18.17
N GLY B 40 -4.01 17.08 -17.82
CA GLY B 40 -5.23 16.36 -17.51
C GLY B 40 -5.65 15.37 -18.58
N ASN B 41 -5.58 15.78 -19.84
CA ASN B 41 -5.95 14.90 -20.95
C ASN B 41 -4.84 13.88 -21.25
N ALA B 42 -3.59 14.29 -21.05
CA ALA B 42 -2.46 13.42 -21.32
C ALA B 42 -2.52 12.28 -20.37
N LEU B 43 -2.60 12.62 -19.09
CA LEU B 43 -2.66 11.63 -18.00
C LEU B 43 -3.92 10.77 -18.07
N ARG B 44 -5.08 11.39 -18.20
CA ARG B 44 -6.31 10.62 -18.28
C ARG B 44 -6.25 9.55 -19.35
N ALA B 45 -5.42 9.77 -20.37
CA ALA B 45 -5.33 8.80 -21.46
C ALA B 45 -4.38 7.69 -21.09
N ILE B 46 -3.35 8.02 -20.32
CA ILE B 46 -2.38 7.04 -19.89
C ILE B 46 -3.00 6.16 -18.80
N LEU B 47 -3.66 6.80 -17.83
CA LEU B 47 -4.32 6.11 -16.74
C LEU B 47 -5.41 5.17 -17.26
N LEU B 48 -6.19 5.66 -18.21
CA LEU B 48 -7.26 4.88 -18.78
C LEU B 48 -6.89 3.80 -19.77
N SER B 49 -5.61 3.50 -19.95
CA SER B 49 -5.27 2.46 -20.93
C SER B 49 -3.87 1.87 -20.88
N SER B 50 -2.94 2.58 -20.28
CA SER B 50 -1.58 2.10 -20.25
C SER B 50 -1.06 1.67 -18.88
N MET B 51 -1.95 1.56 -17.91
CA MET B 51 -1.55 1.14 -16.58
C MET B 51 -1.38 -0.38 -16.55
N PRO B 52 -0.32 -0.87 -15.87
CA PRO B 52 0.03 -2.29 -15.71
C PRO B 52 -1.02 -3.09 -14.92
N GLY B 53 -0.67 -3.54 -13.72
CA GLY B 53 -1.60 -4.30 -12.89
C GLY B 53 -1.76 -5.80 -13.10
N CYS B 54 -2.15 -6.47 -12.01
CA CYS B 54 -2.37 -7.92 -12.00
C CYS B 54 -3.80 -8.27 -12.37
N ALA B 55 -3.96 -9.37 -13.10
CA ALA B 55 -5.27 -9.80 -13.53
C ALA B 55 -5.32 -11.30 -13.76
N VAL B 56 -6.49 -11.88 -13.50
CA VAL B 56 -6.72 -13.31 -13.69
C VAL B 56 -6.82 -13.55 -15.19
N THR B 57 -6.02 -14.49 -15.69
CA THR B 57 -6.00 -14.78 -17.10
C THR B 57 -6.49 -16.18 -17.44
N GLU B 58 -6.27 -17.12 -16.54
CA GLU B 58 -6.70 -18.51 -16.73
C GLU B 58 -7.18 -19.08 -15.42
N VAL B 59 -8.00 -20.13 -15.50
CA VAL B 59 -8.53 -20.79 -14.31
C VAL B 59 -8.67 -22.26 -14.65
N GLU B 60 -8.31 -23.11 -13.70
CA GLU B 60 -8.41 -24.55 -13.90
C GLU B 60 -9.27 -25.13 -12.79
N ILE B 61 -10.55 -25.32 -13.09
CA ILE B 61 -11.49 -25.86 -12.11
C ILE B 61 -11.60 -27.37 -12.27
N ASP B 62 -11.54 -28.09 -11.17
CA ASP B 62 -11.64 -29.55 -11.21
C ASP B 62 -13.01 -30.02 -11.70
N GLY B 63 -13.00 -30.95 -12.65
CA GLY B 63 -14.26 -31.47 -13.17
C GLY B 63 -14.85 -30.68 -14.32
N VAL B 64 -14.48 -29.41 -14.42
CA VAL B 64 -14.97 -28.54 -15.50
C VAL B 64 -14.05 -28.64 -16.72
N LEU B 65 -14.63 -29.04 -17.84
CA LEU B 65 -13.86 -29.20 -19.07
C LEU B 65 -13.97 -28.01 -20.02
N HIS B 66 -15.20 -27.70 -20.42
CA HIS B 66 -15.47 -26.59 -21.32
C HIS B 66 -15.97 -25.41 -20.48
N GLU B 67 -15.88 -24.21 -21.05
CA GLU B 67 -16.34 -23.02 -20.35
C GLU B 67 -17.86 -23.04 -20.22
N TYR B 68 -18.53 -23.78 -21.10
CA TYR B 68 -19.98 -23.86 -21.06
C TYR B 68 -20.55 -25.20 -20.56
N SER B 69 -19.90 -25.75 -19.55
CA SER B 69 -20.30 -27.02 -18.93
C SER B 69 -20.85 -26.83 -17.50
N THR B 70 -21.54 -27.85 -16.99
CA THR B 70 -22.15 -27.79 -15.67
C THR B 70 -21.20 -27.93 -14.48
N LYS B 71 -21.78 -27.98 -13.28
CA LYS B 71 -21.06 -28.13 -12.03
C LYS B 71 -22.01 -28.57 -10.94
N GLU B 72 -21.61 -29.64 -10.23
CA GLU B 72 -22.42 -30.19 -9.15
C GLU B 72 -22.18 -29.49 -7.81
N GLY B 73 -23.22 -28.82 -7.30
CA GLY B 73 -23.10 -28.18 -6.00
C GLY B 73 -22.72 -26.72 -5.94
N VAL B 74 -22.78 -26.04 -7.08
CA VAL B 74 -22.45 -24.61 -7.15
C VAL B 74 -23.60 -23.81 -7.75
N GLN B 75 -24.02 -22.79 -7.00
CA GLN B 75 -25.12 -21.91 -7.39
C GLN B 75 -24.99 -21.35 -8.81
N GLU B 76 -23.92 -20.59 -9.04
CA GLU B 76 -23.70 -19.97 -10.34
C GLU B 76 -22.99 -20.84 -11.37
N ASP B 77 -23.30 -20.64 -12.64
CA ASP B 77 -22.65 -21.40 -13.70
C ASP B 77 -21.20 -20.99 -13.89
N ILE B 78 -20.41 -21.89 -14.46
CA ILE B 78 -18.98 -21.64 -14.68
C ILE B 78 -18.66 -20.28 -15.28
N LEU B 79 -19.50 -19.80 -16.20
CA LEU B 79 -19.30 -18.49 -16.83
C LEU B 79 -19.36 -17.42 -15.75
N GLU B 80 -20.40 -17.49 -14.92
CA GLU B 80 -20.57 -16.56 -13.82
C GLU B 80 -19.36 -16.59 -12.88
N ILE B 81 -18.74 -17.77 -12.74
CA ILE B 81 -17.58 -17.90 -11.87
C ILE B 81 -16.37 -17.20 -12.50
N LEU B 82 -16.21 -17.34 -13.80
CA LEU B 82 -15.11 -16.69 -14.51
C LEU B 82 -15.26 -15.16 -14.45
N LEU B 83 -16.52 -14.71 -14.53
CA LEU B 83 -16.87 -13.30 -14.44
C LEU B 83 -16.56 -12.82 -13.03
N ASN B 84 -16.68 -13.72 -12.06
CA ASN B 84 -16.42 -13.42 -10.64
C ASN B 84 -14.90 -13.36 -10.43
N LEU B 85 -14.19 -14.24 -11.12
CA LEU B 85 -12.74 -14.31 -11.03
C LEU B 85 -12.08 -13.08 -11.66
N LYS B 86 -12.74 -12.46 -12.63
CA LYS B 86 -12.23 -11.24 -13.28
C LYS B 86 -12.08 -10.12 -12.26
N GLY B 87 -13.03 -10.06 -11.32
CA GLY B 87 -13.00 -9.06 -10.28
C GLY B 87 -12.09 -9.40 -9.11
N LEU B 88 -11.20 -10.37 -9.29
CA LEU B 88 -10.30 -10.74 -8.20
C LEU B 88 -9.16 -9.74 -8.22
N ALA B 89 -9.14 -8.87 -7.22
CA ALA B 89 -8.11 -7.85 -7.10
C ALA B 89 -7.01 -8.40 -6.24
N VAL B 90 -5.86 -8.64 -6.86
CA VAL B 90 -4.70 -9.18 -6.16
C VAL B 90 -3.46 -8.32 -6.41
N ARG B 91 -2.71 -8.09 -5.35
CA ARG B 91 -1.48 -7.31 -5.40
C ARG B 91 -0.33 -8.28 -5.10
N VAL B 92 0.50 -8.60 -6.09
CA VAL B 92 1.61 -9.54 -5.86
C VAL B 92 2.98 -8.85 -5.81
N GLN B 93 3.83 -9.35 -4.90
CA GLN B 93 5.18 -8.84 -4.64
C GLN B 93 5.99 -8.48 -5.89
N GLY B 94 6.70 -9.45 -6.43
CA GLY B 94 7.49 -9.24 -7.63
C GLY B 94 7.34 -10.53 -8.41
N LYS B 95 6.47 -10.52 -9.41
CA LYS B 95 6.22 -11.72 -10.19
C LYS B 95 5.18 -11.43 -11.25
N ASP B 96 5.47 -11.83 -12.48
CA ASP B 96 4.55 -11.59 -13.58
C ASP B 96 3.59 -12.74 -13.83
N GLU B 97 3.56 -13.67 -12.88
CA GLU B 97 2.68 -14.81 -12.94
C GLU B 97 2.73 -15.63 -11.65
N VAL B 98 1.56 -15.80 -11.07
CA VAL B 98 1.43 -16.53 -9.84
C VAL B 98 0.20 -17.43 -9.95
N ILE B 99 0.31 -18.65 -9.48
CA ILE B 99 -0.79 -19.59 -9.53
C ILE B 99 -1.44 -19.61 -8.15
N LEU B 100 -2.74 -19.38 -8.12
CA LEU B 100 -3.45 -19.39 -6.86
C LEU B 100 -4.31 -20.64 -6.80
N THR B 101 -4.27 -21.32 -5.66
CA THR B 101 -5.07 -22.52 -5.50
C THR B 101 -6.25 -22.24 -4.56
N LEU B 102 -7.43 -22.72 -4.97
CA LEU B 102 -8.63 -22.50 -4.19
C LEU B 102 -9.35 -23.83 -3.96
N ASN B 103 -9.20 -24.37 -2.75
CA ASN B 103 -9.86 -25.62 -2.38
C ASN B 103 -10.95 -25.22 -1.39
N LYS B 104 -12.19 -25.64 -1.65
CA LYS B 104 -13.29 -25.31 -0.74
C LYS B 104 -14.47 -26.28 -0.78
N SER B 105 -14.76 -26.84 0.39
CA SER B 105 -15.87 -27.77 0.50
C SER B 105 -16.79 -27.24 1.61
N GLY B 106 -18.10 -27.26 1.35
CA GLY B 106 -19.05 -26.80 2.34
C GLY B 106 -20.33 -26.20 1.80
N ILE B 107 -20.88 -25.24 2.54
CA ILE B 107 -22.10 -24.52 2.15
C ILE B 107 -21.74 -23.05 2.26
N GLY B 108 -22.35 -22.23 1.41
CA GLY B 108 -22.07 -20.81 1.48
C GLY B 108 -21.12 -20.31 0.42
N PRO B 109 -20.74 -19.03 0.50
CA PRO B 109 -19.84 -18.37 -0.45
C PRO B 109 -18.38 -18.74 -0.34
N VAL B 110 -17.77 -18.96 -1.50
CA VAL B 110 -16.34 -19.25 -1.57
C VAL B 110 -15.81 -17.88 -1.94
N THR B 111 -15.23 -17.19 -0.97
CA THR B 111 -14.68 -15.86 -1.20
C THR B 111 -13.18 -15.88 -1.44
N ALA B 112 -12.61 -14.72 -1.75
CA ALA B 112 -11.17 -14.62 -2.01
C ALA B 112 -10.35 -14.91 -0.74
N ALA B 113 -11.01 -14.86 0.41
CA ALA B 113 -10.35 -15.14 1.68
C ALA B 113 -10.06 -16.64 1.81
N ASP B 114 -10.76 -17.48 1.05
CA ASP B 114 -10.57 -18.92 1.08
C ASP B 114 -9.39 -19.40 0.22
N ILE B 115 -8.82 -18.49 -0.55
CA ILE B 115 -7.66 -18.81 -1.39
C ILE B 115 -6.48 -19.11 -0.47
N THR B 116 -5.72 -20.13 -0.82
CA THR B 116 -4.57 -20.53 -0.01
C THR B 116 -3.57 -19.41 0.15
N HIS B 117 -3.40 -19.01 1.40
CA HIS B 117 -2.51 -17.93 1.79
C HIS B 117 -1.07 -18.09 1.33
N ASP B 118 -0.73 -17.33 0.29
CA ASP B 118 0.63 -17.30 -0.26
C ASP B 118 1.29 -16.08 0.37
N GLY B 119 2.55 -16.18 0.77
CA GLY B 119 3.21 -15.02 1.33
C GLY B 119 3.35 -13.94 0.27
N ASP B 120 3.76 -14.37 -0.93
CA ASP B 120 3.96 -13.49 -2.09
C ASP B 120 2.70 -12.71 -2.47
N VAL B 121 1.54 -13.32 -2.33
CA VAL B 121 0.28 -12.68 -2.70
C VAL B 121 -0.42 -11.84 -1.62
N GLU B 122 -1.10 -10.78 -2.07
CA GLU B 122 -1.89 -9.91 -1.20
C GLU B 122 -3.28 -9.85 -1.80
N ILE B 123 -4.28 -10.24 -1.02
CA ILE B 123 -5.67 -10.23 -1.50
C ILE B 123 -6.36 -8.99 -0.97
N VAL B 124 -6.61 -8.07 -1.90
CA VAL B 124 -7.22 -6.77 -1.61
C VAL B 124 -8.60 -6.79 -0.97
N LYS B 125 -9.52 -7.57 -1.54
CA LYS B 125 -10.85 -7.64 -0.97
C LYS B 125 -11.17 -9.11 -0.68
N PRO B 126 -10.76 -9.60 0.51
CA PRO B 126 -11.01 -11.00 0.91
C PRO B 126 -12.47 -11.40 0.92
N GLN B 127 -13.34 -10.42 1.14
CA GLN B 127 -14.76 -10.66 1.18
C GLN B 127 -15.34 -10.77 -0.21
N HIS B 128 -14.48 -10.83 -1.22
CA HIS B 128 -14.92 -10.95 -2.60
C HIS B 128 -15.43 -12.38 -2.88
N VAL B 129 -16.73 -12.48 -3.13
CA VAL B 129 -17.34 -13.75 -3.43
C VAL B 129 -17.01 -14.25 -4.83
N ILE B 130 -16.49 -15.48 -4.90
CA ILE B 130 -16.15 -16.15 -6.16
C ILE B 130 -17.20 -17.22 -6.44
N CYS B 131 -17.75 -17.79 -5.37
CA CYS B 131 -18.71 -18.91 -5.46
C CYS B 131 -19.75 -18.97 -4.36
N HIS B 132 -20.60 -19.98 -4.49
CA HIS B 132 -21.67 -20.30 -3.54
C HIS B 132 -21.95 -21.79 -3.67
N LEU B 133 -21.48 -22.56 -2.69
CA LEU B 133 -21.69 -24.01 -2.66
C LEU B 133 -23.04 -24.25 -2.01
N THR B 134 -23.92 -24.90 -2.76
CA THR B 134 -25.27 -25.19 -2.30
C THR B 134 -25.40 -26.29 -1.24
N ASP B 135 -25.04 -27.53 -1.56
CA ASP B 135 -25.14 -28.61 -0.55
C ASP B 135 -23.84 -28.75 0.24
N GLU B 136 -23.88 -29.40 1.40
CA GLU B 136 -22.66 -29.54 2.20
C GLU B 136 -21.62 -30.50 1.59
N ASN B 137 -22.07 -31.37 0.69
CA ASN B 137 -21.14 -32.31 0.08
C ASN B 137 -20.54 -31.73 -1.20
N ALA B 138 -20.81 -30.44 -1.42
CA ALA B 138 -20.32 -29.71 -2.59
C ALA B 138 -18.97 -29.10 -2.28
N SER B 139 -18.13 -29.03 -3.32
CA SER B 139 -16.80 -28.46 -3.17
C SER B 139 -16.17 -28.09 -4.53
N ILE B 140 -15.32 -27.07 -4.52
CA ILE B 140 -14.60 -26.63 -5.71
C ILE B 140 -13.12 -26.62 -5.40
N SER B 141 -12.35 -27.01 -6.41
CA SER B 141 -10.89 -27.02 -6.32
C SER B 141 -10.40 -26.47 -7.66
N MET B 142 -9.87 -25.25 -7.64
CA MET B 142 -9.39 -24.60 -8.85
C MET B 142 -8.07 -23.90 -8.67
N ARG B 143 -7.32 -23.78 -9.78
CA ARG B 143 -6.05 -23.09 -9.79
C ARG B 143 -6.25 -21.87 -10.69
N ILE B 144 -6.27 -20.71 -10.06
CA ILE B 144 -6.47 -19.43 -10.71
C ILE B 144 -5.14 -18.79 -11.11
N LYS B 145 -4.93 -18.62 -12.42
CA LYS B 145 -3.72 -17.97 -12.91
C LYS B 145 -3.84 -16.43 -12.93
N VAL B 146 -2.94 -15.78 -12.21
CA VAL B 146 -2.90 -14.33 -12.11
C VAL B 146 -1.62 -13.83 -12.80
N GLN B 147 -1.76 -12.98 -13.82
CA GLN B 147 -0.61 -12.44 -14.53
C GLN B 147 -0.48 -10.92 -14.50
N ARG B 148 0.74 -10.44 -14.71
CA ARG B 148 1.04 -8.99 -14.76
C ARG B 148 0.90 -8.57 -16.21
N GLY B 149 0.01 -7.61 -16.46
CA GLY B 149 -0.19 -7.13 -17.82
C GLY B 149 -0.42 -5.61 -17.94
N ARG B 150 -1.07 -5.22 -19.04
CA ARG B 150 -1.33 -3.82 -19.33
C ARG B 150 -2.71 -3.64 -19.96
N GLY B 151 -3.51 -2.73 -19.42
CA GLY B 151 -4.83 -2.52 -19.99
C GLY B 151 -5.74 -3.76 -19.97
N TYR B 152 -6.66 -3.83 -20.92
CA TYR B 152 -7.63 -4.92 -20.98
C TYR B 152 -7.57 -5.77 -22.24
N VAL B 153 -7.25 -7.06 -22.07
CA VAL B 153 -7.17 -8.00 -23.19
C VAL B 153 -8.27 -9.05 -23.02
N PRO B 154 -9.36 -8.94 -23.80
CA PRO B 154 -10.51 -9.87 -23.77
C PRO B 154 -10.14 -11.30 -24.15
N ALA B 155 -11.06 -12.22 -23.90
CA ALA B 155 -10.83 -13.62 -24.22
C ALA B 155 -10.59 -13.71 -25.71
N SER B 156 -11.46 -13.02 -26.46
CA SER B 156 -11.43 -12.99 -27.91
C SER B 156 -10.01 -12.77 -28.44
N THR B 157 -9.31 -11.84 -27.80
CA THR B 157 -7.95 -11.50 -28.17
C THR B 157 -6.92 -12.46 -27.59
N ARG B 158 -7.33 -13.72 -27.49
CA ARG B 158 -6.47 -14.80 -27.00
C ARG B 158 -6.82 -16.04 -27.83
N ILE B 159 -7.56 -15.81 -28.91
CA ILE B 159 -7.94 -16.87 -29.82
C ILE B 159 -6.75 -17.16 -30.73
N HIS B 160 -6.16 -18.34 -30.56
CA HIS B 160 -5.01 -18.76 -31.35
C HIS B 160 -5.37 -18.98 -32.83
N ASP B 164 -1.90 -21.48 -28.92
CA ASP B 164 -2.54 -22.37 -27.91
C ASP B 164 -1.49 -23.05 -27.03
N GLU B 165 -1.94 -23.84 -26.06
CA GLU B 165 -1.05 -24.54 -25.14
C GLU B 165 -1.75 -25.82 -24.68
N ARG B 166 -2.66 -25.66 -23.71
CA ARG B 166 -3.40 -26.78 -23.14
C ARG B 166 -4.88 -26.44 -23.05
N PRO B 167 -5.53 -26.13 -24.20
CA PRO B 167 -6.95 -25.77 -24.26
C PRO B 167 -7.87 -26.59 -23.35
N ILE B 168 -7.57 -27.89 -23.22
CA ILE B 168 -8.35 -28.82 -22.40
C ILE B 168 -8.24 -28.55 -20.89
N GLY B 169 -9.35 -28.03 -20.35
CA GLY B 169 -9.42 -27.70 -18.94
C GLY B 169 -9.19 -26.23 -18.64
N ARG B 170 -8.01 -25.73 -19.00
CA ARG B 170 -7.66 -24.33 -18.76
C ARG B 170 -8.74 -23.43 -19.34
N LEU B 171 -9.57 -22.90 -18.45
CA LEU B 171 -10.65 -22.00 -18.83
C LEU B 171 -10.09 -20.58 -18.88
N LEU B 172 -10.27 -19.93 -20.02
CA LEU B 172 -9.76 -18.58 -20.19
C LEU B 172 -10.71 -17.54 -19.65
N VAL B 173 -10.14 -16.52 -19.02
CA VAL B 173 -10.92 -15.43 -18.46
C VAL B 173 -10.42 -14.06 -18.96
N ASP B 174 -11.36 -13.16 -19.25
CA ASP B 174 -11.06 -11.80 -19.73
C ASP B 174 -10.16 -11.08 -18.75
N ALA B 175 -9.02 -10.61 -19.23
CA ALA B 175 -8.06 -9.92 -18.38
C ALA B 175 -8.18 -8.41 -18.29
N CYS B 176 -8.42 -7.91 -17.07
CA CYS B 176 -8.55 -6.49 -16.80
C CYS B 176 -7.30 -6.12 -16.02
N TYR B 177 -6.18 -6.09 -16.72
CA TYR B 177 -4.90 -5.78 -16.10
C TYR B 177 -4.78 -4.44 -15.40
N SER B 178 -5.40 -3.42 -15.97
CA SER B 178 -5.27 -2.11 -15.35
C SER B 178 -6.08 -1.97 -14.10
N PRO B 179 -5.45 -1.46 -13.03
CA PRO B 179 -6.09 -1.24 -11.73
C PRO B 179 -6.92 0.01 -11.70
N VAL B 180 -7.02 0.69 -12.84
CA VAL B 180 -7.80 1.93 -12.98
C VAL B 180 -9.12 1.62 -13.64
N GLU B 181 -10.21 1.74 -12.89
CA GLU B 181 -11.52 1.48 -13.46
C GLU B 181 -12.19 2.70 -14.09
N ARG B 182 -11.90 3.90 -13.58
CA ARG B 182 -12.47 5.12 -14.14
C ARG B 182 -11.67 6.35 -13.74
N ILE B 183 -11.48 7.26 -14.70
CA ILE B 183 -10.74 8.50 -14.48
C ILE B 183 -11.58 9.70 -14.90
N ALA B 184 -11.42 10.79 -14.14
CA ALA B 184 -12.13 12.03 -14.40
C ALA B 184 -11.22 13.12 -13.86
N TYR B 185 -11.28 14.30 -14.48
CA TYR B 185 -10.45 15.41 -14.00
C TYR B 185 -11.17 16.74 -14.13
N ASN B 186 -10.78 17.69 -13.28
CA ASN B 186 -11.34 19.03 -13.26
C ASN B 186 -10.17 19.98 -13.11
N VAL B 187 -10.22 21.12 -13.79
CA VAL B 187 -9.11 22.05 -13.73
C VAL B 187 -9.12 23.08 -12.62
N GLU B 188 -10.29 23.58 -12.24
CA GLU B 188 -10.41 24.57 -11.16
C GLU B 188 -9.32 25.61 -10.88
N ALA B 189 -9.75 26.84 -10.68
CA ALA B 189 -8.86 27.92 -10.35
C ALA B 189 -8.24 27.71 -8.99
N ALA B 190 -6.91 27.51 -8.96
CA ALA B 190 -6.20 27.38 -7.71
C ALA B 190 -6.01 28.82 -7.31
N ARG B 191 -6.97 29.38 -6.59
CA ARG B 191 -6.93 30.79 -6.15
C ARG B 191 -5.77 31.19 -5.28
N VAL B 192 -4.59 31.08 -5.85
CA VAL B 192 -3.33 31.37 -5.17
C VAL B 192 -3.27 32.75 -4.51
N GLU B 193 -2.43 32.83 -3.48
CA GLU B 193 -2.22 34.00 -2.63
C GLU B 193 -2.03 35.35 -3.32
N GLN B 194 -1.23 35.35 -4.38
CA GLN B 194 -0.91 36.56 -5.12
C GLN B 194 -1.32 36.45 -6.58
N ARG B 195 -0.79 35.43 -7.26
CA ARG B 195 -1.09 35.16 -8.68
C ARG B 195 -2.59 35.09 -8.90
N THR B 196 -3.02 34.94 -10.15
CA THR B 196 -4.44 34.88 -10.44
C THR B 196 -4.70 34.07 -11.70
N ASP B 197 -3.63 33.59 -12.32
CA ASP B 197 -3.77 32.81 -13.53
C ASP B 197 -3.53 31.34 -13.23
N LEU B 198 -3.32 31.00 -11.96
CA LEU B 198 -3.03 29.61 -11.63
C LEU B 198 -4.23 28.70 -11.34
N ASP B 199 -4.12 27.48 -11.84
CA ASP B 199 -5.14 26.45 -11.65
C ASP B 199 -4.59 25.27 -10.83
N LYS B 200 -5.44 24.29 -10.54
CA LYS B 200 -5.05 23.09 -9.79
C LYS B 200 -5.82 21.98 -10.45
N LEU B 201 -5.12 20.95 -10.91
CA LEU B 201 -5.78 19.84 -11.59
C LEU B 201 -6.23 18.76 -10.59
N VAL B 202 -7.54 18.51 -10.57
CA VAL B 202 -8.12 17.50 -9.70
C VAL B 202 -8.44 16.23 -10.46
N ILE B 203 -7.63 15.18 -10.25
CA ILE B 203 -7.84 13.91 -10.91
C ILE B 203 -8.60 12.96 -10.00
N GLU B 204 -9.82 12.62 -10.42
CA GLU B 204 -10.69 11.71 -9.69
C GLU B 204 -10.46 10.29 -10.20
N MET B 205 -10.07 9.40 -9.28
CA MET B 205 -9.75 8.02 -9.61
C MET B 205 -10.67 7.01 -8.95
N GLU B 206 -10.98 5.95 -9.68
CA GLU B 206 -11.79 4.83 -9.19
C GLU B 206 -10.98 3.61 -9.58
N THR B 207 -10.10 3.18 -8.68
CA THR B 207 -9.23 2.05 -8.91
C THR B 207 -9.83 0.73 -8.42
N ASN B 208 -9.08 -0.37 -8.57
CA ASN B 208 -9.53 -1.68 -8.12
C ASN B 208 -8.84 -2.02 -6.80
N GLY B 209 -8.17 -1.03 -6.24
CA GLY B 209 -7.48 -1.21 -4.97
C GLY B 209 -6.05 -1.69 -5.09
N THR B 210 -5.74 -2.39 -6.17
CA THR B 210 -4.41 -2.92 -6.38
C THR B 210 -3.36 -1.85 -6.65
N ILE B 211 -3.80 -0.61 -6.81
CA ILE B 211 -2.88 0.50 -7.06
C ILE B 211 -3.25 1.73 -6.26
N ASP B 212 -2.25 2.38 -5.71
CA ASP B 212 -2.43 3.59 -4.91
C ASP B 212 -2.61 4.76 -5.87
N PRO B 213 -3.43 5.76 -5.49
CA PRO B 213 -3.69 6.95 -6.31
C PRO B 213 -2.40 7.66 -6.76
N GLU B 214 -1.57 8.07 -5.82
CA GLU B 214 -0.33 8.74 -6.13
C GLU B 214 0.57 7.93 -7.05
N GLU B 215 0.66 6.62 -6.85
CA GLU B 215 1.54 5.80 -7.69
C GLU B 215 0.94 5.58 -9.07
N ALA B 216 -0.37 5.73 -9.16
CA ALA B 216 -1.06 5.59 -10.44
C ALA B 216 -0.70 6.84 -11.28
N ILE B 217 -0.57 7.98 -10.60
CA ILE B 217 -0.23 9.23 -11.25
C ILE B 217 1.25 9.24 -11.64
N ARG B 218 2.11 8.87 -10.70
CA ARG B 218 3.53 8.85 -10.96
C ARG B 218 3.96 7.80 -12.00
N ARG B 219 3.05 6.89 -12.33
CA ARG B 219 3.33 5.88 -13.34
C ARG B 219 2.81 6.36 -14.68
N ALA B 220 1.76 7.18 -14.64
CA ALA B 220 1.14 7.78 -15.84
C ALA B 220 2.12 8.82 -16.38
N ALA B 221 2.61 9.66 -15.47
CA ALA B 221 3.57 10.69 -15.79
C ALA B 221 4.84 10.04 -16.34
N THR B 222 5.26 8.94 -15.75
CA THR B 222 6.46 8.25 -16.19
C THR B 222 6.31 7.67 -17.60
N ILE B 223 5.10 7.22 -17.95
CA ILE B 223 4.90 6.66 -19.29
C ILE B 223 4.93 7.79 -20.29
N LEU B 224 4.36 8.92 -19.89
CA LEU B 224 4.32 10.12 -20.73
C LEU B 224 5.74 10.61 -20.98
N ALA B 225 6.43 10.97 -19.90
CA ALA B 225 7.80 11.47 -19.96
C ALA B 225 8.75 10.57 -20.75
N GLU B 226 8.56 9.26 -20.65
CA GLU B 226 9.43 8.33 -21.36
C GLU B 226 9.14 8.24 -22.84
N GLN B 227 7.94 8.64 -23.24
CA GLN B 227 7.56 8.63 -24.65
C GLN B 227 8.31 9.77 -25.34
N LEU B 228 8.53 10.83 -24.57
CA LEU B 228 9.22 12.05 -25.01
C LEU B 228 10.74 11.99 -24.92
N GLU B 229 11.31 10.84 -24.52
CA GLU B 229 12.76 10.73 -24.38
C GLU B 229 13.63 11.09 -25.59
N ALA B 230 13.09 10.88 -26.79
CA ALA B 230 13.83 11.20 -28.01
C ALA B 230 13.75 12.68 -28.38
N PHE B 231 12.98 13.45 -27.59
CA PHE B 231 12.82 14.90 -27.84
C PHE B 231 13.13 15.72 -26.61
N VAL B 232 13.61 15.09 -25.54
CA VAL B 232 13.97 15.80 -24.31
C VAL B 232 15.47 15.72 -24.02
N ASP B 233 16.13 14.74 -24.62
CA ASP B 233 17.57 14.53 -24.46
C ASP B 233 18.11 13.73 -25.66
N LEU B 234 18.29 12.43 -25.47
CA LEU B 234 18.81 11.54 -26.53
C LEU B 234 20.03 12.16 -27.21
N ARG B 235 21.16 12.12 -26.50
CA ARG B 235 22.43 12.65 -26.97
C ARG B 235 23.56 12.38 -25.96
N MET C 1 -17.56 -35.40 7.61
CA MET C 1 -16.13 -35.78 7.86
C MET C 1 -16.08 -37.06 8.70
N GLN C 2 -14.90 -37.36 9.25
CA GLN C 2 -14.71 -38.54 10.08
C GLN C 2 -13.53 -38.29 10.99
N GLY C 3 -13.72 -38.55 12.28
CA GLY C 3 -12.66 -38.35 13.27
C GLY C 3 -13.01 -39.01 14.59
N SER C 4 -12.51 -38.43 15.68
CA SER C 4 -12.77 -38.94 17.03
C SER C 4 -12.51 -37.83 18.03
N VAL C 5 -11.45 -37.05 17.79
CA VAL C 5 -11.13 -35.94 18.67
C VAL C 5 -10.70 -34.71 17.86
N THR C 6 -11.57 -33.70 17.92
CA THR C 6 -11.40 -32.42 17.22
C THR C 6 -10.55 -31.47 18.06
N GLU C 7 -9.64 -30.75 17.41
CA GLU C 7 -8.75 -29.79 18.10
C GLU C 7 -8.15 -28.70 17.21
N PHE C 8 -8.86 -28.33 16.14
CA PHE C 8 -8.36 -27.28 15.23
C PHE C 8 -9.31 -26.07 15.07
N LEU C 9 -9.76 -25.80 13.84
CA LEU C 9 -10.66 -24.69 13.50
C LEU C 9 -10.02 -23.31 13.69
N LYS C 10 -9.01 -23.08 12.86
CA LYS C 10 -8.20 -21.88 12.76
C LYS C 10 -8.87 -20.75 11.97
N PRO C 11 -8.73 -19.50 12.44
CA PRO C 11 -9.29 -18.30 11.82
C PRO C 11 -8.48 -17.82 10.62
N ARG C 12 -9.11 -17.01 9.77
CA ARG C 12 -8.46 -16.41 8.62
C ARG C 12 -9.05 -15.05 8.29
N LEU C 13 -8.22 -14.17 7.72
CA LEU C 13 -8.65 -12.83 7.36
C LEU C 13 -9.79 -12.97 6.36
N VAL C 14 -10.99 -12.64 6.82
CA VAL C 14 -12.17 -12.84 6.04
C VAL C 14 -12.79 -11.58 5.40
N ASP C 15 -12.38 -10.40 5.85
CA ASP C 15 -12.97 -9.16 5.36
C ASP C 15 -12.15 -7.95 5.82
N ILE C 16 -12.11 -6.91 4.99
CA ILE C 16 -11.38 -5.67 5.32
C ILE C 16 -12.25 -4.46 5.00
N GLU C 17 -12.60 -3.68 6.02
CA GLU C 17 -13.44 -2.50 5.82
C GLU C 17 -12.65 -1.25 6.11
N GLN C 18 -12.13 -0.63 5.06
CA GLN C 18 -11.36 0.60 5.19
C GLN C 18 -12.30 1.77 5.45
N VAL C 19 -12.49 2.10 6.74
CA VAL C 19 -13.35 3.22 7.13
C VAL C 19 -12.80 4.52 6.52
N SER C 20 -11.51 4.51 6.23
CA SER C 20 -10.84 5.64 5.61
C SER C 20 -9.48 5.17 5.13
N SER C 21 -8.63 6.11 4.77
CA SER C 21 -7.29 5.82 4.27
C SER C 21 -6.37 5.25 5.35
N THR C 22 -6.68 5.58 6.61
CA THR C 22 -5.86 5.14 7.73
C THR C 22 -6.64 4.45 8.86
N HIS C 23 -7.89 4.12 8.61
CA HIS C 23 -8.70 3.44 9.61
C HIS C 23 -9.42 2.29 8.95
N ALA C 24 -9.19 1.08 9.46
CA ALA C 24 -9.83 -0.11 8.90
C ALA C 24 -10.37 -1.06 9.97
N LYS C 25 -11.15 -2.04 9.52
CA LYS C 25 -11.73 -3.05 10.39
C LYS C 25 -11.50 -4.43 9.78
N VAL C 26 -10.48 -5.12 10.27
CA VAL C 26 -10.15 -6.45 9.78
C VAL C 26 -10.89 -7.47 10.63
N THR C 27 -11.35 -8.56 10.01
CA THR C 27 -12.06 -9.61 10.72
C THR C 27 -11.56 -11.02 10.38
N LEU C 28 -11.05 -11.70 11.41
CA LEU C 28 -10.56 -13.08 11.32
C LEU C 28 -11.80 -13.85 11.78
N GLU C 29 -12.30 -14.84 11.02
CA GLU C 29 -13.54 -15.47 11.43
C GLU C 29 -13.67 -16.80 12.18
N PRO C 30 -13.46 -17.96 11.53
CA PRO C 30 -13.62 -19.18 12.33
C PRO C 30 -12.78 -19.09 13.58
N LEU C 31 -13.45 -18.78 14.69
CA LEU C 31 -12.79 -18.69 15.99
C LEU C 31 -13.56 -19.48 17.02
N GLU C 32 -12.90 -20.53 17.55
CA GLU C 32 -13.48 -21.37 18.59
C GLU C 32 -13.65 -20.48 19.82
N ARG C 33 -14.67 -20.75 20.62
CA ARG C 33 -14.91 -19.96 21.82
C ARG C 33 -13.65 -19.68 22.62
N GLY C 34 -13.52 -18.45 23.07
CA GLY C 34 -12.37 -18.06 23.85
C GLY C 34 -11.15 -17.63 23.07
N PHE C 35 -11.10 -17.99 21.78
CA PHE C 35 -9.95 -17.62 20.95
C PHE C 35 -9.98 -16.19 20.42
N GLY C 36 -11.15 -15.56 20.49
CA GLY C 36 -11.29 -14.18 20.03
C GLY C 36 -10.38 -13.30 20.87
N HIS C 37 -10.59 -13.37 22.18
CA HIS C 37 -9.80 -12.58 23.11
C HIS C 37 -8.37 -13.02 23.23
N THR C 38 -8.10 -14.31 23.02
CA THR C 38 -6.75 -14.80 23.16
C THR C 38 -5.86 -14.23 22.06
N LEU C 39 -6.31 -14.32 20.82
CA LEU C 39 -5.56 -13.76 19.69
C LEU C 39 -5.71 -12.24 19.72
N GLY C 40 -6.92 -11.76 19.99
CA GLY C 40 -7.18 -10.34 20.08
C GLY C 40 -6.26 -9.57 20.99
N ASN C 41 -5.96 -10.11 22.15
CA ASN C 41 -5.08 -9.46 23.12
C ASN C 41 -3.62 -9.67 22.74
N ALA C 42 -3.30 -10.81 22.15
CA ALA C 42 -1.93 -11.13 21.73
C ALA C 42 -1.55 -10.16 20.63
N LEU C 43 -2.37 -10.11 19.58
CA LEU C 43 -2.16 -9.22 18.45
C LEU C 43 -2.20 -7.74 18.87
N ARG C 44 -3.24 -7.31 19.57
CA ARG C 44 -3.32 -5.92 19.99
C ARG C 44 -2.06 -5.46 20.70
N ALA C 45 -1.33 -6.37 21.32
CA ALA C 45 -0.11 -5.99 22.02
C ALA C 45 1.06 -5.88 21.06
N ILE C 46 1.05 -6.72 20.05
CA ILE C 46 2.11 -6.71 19.04
C ILE C 46 1.93 -5.47 18.15
N LEU C 47 0.71 -5.25 17.69
CA LEU C 47 0.38 -4.10 16.85
C LEU C 47 0.68 -2.78 17.56
N LEU C 48 0.29 -2.69 18.81
CA LEU C 48 0.51 -1.48 19.58
C LEU C 48 1.94 -1.23 20.07
N SER C 49 2.92 -2.03 19.66
CA SER C 49 4.26 -1.76 20.17
C SER C 49 5.44 -2.40 19.47
N SER C 50 5.16 -3.42 18.66
CA SER C 50 6.24 -4.13 18.00
C SER C 50 6.26 -3.98 16.49
N MET C 51 5.45 -3.07 15.97
CA MET C 51 5.41 -2.84 14.52
C MET C 51 6.60 -1.94 14.12
N PRO C 52 7.24 -2.25 12.97
CA PRO C 52 8.40 -1.55 12.38
C PRO C 52 8.13 -0.08 11.99
N GLY C 53 8.37 0.31 10.74
CA GLY C 53 8.10 1.68 10.32
C GLY C 53 9.19 2.75 10.31
N CYS C 54 8.94 3.79 9.49
CA CYS C 54 9.85 4.93 9.32
C CYS C 54 9.37 6.15 10.11
N ALA C 55 10.32 6.91 10.63
CA ALA C 55 9.99 8.08 11.42
C ALA C 55 11.09 9.13 11.39
N VAL C 56 10.68 10.39 11.49
CA VAL C 56 11.61 11.50 11.49
C VAL C 56 12.27 11.52 12.85
N THR C 57 13.60 11.55 12.85
CA THR C 57 14.37 11.54 14.09
C THR C 57 15.17 12.81 14.32
N GLU C 58 15.64 13.41 13.23
CA GLU C 58 16.42 14.66 13.28
C GLU C 58 16.03 15.57 12.15
N VAL C 59 16.30 16.86 12.33
CA VAL C 59 15.99 17.88 11.34
C VAL C 59 17.05 18.96 11.43
N GLU C 60 17.52 19.41 10.28
CA GLU C 60 18.53 20.45 10.24
C GLU C 60 17.98 21.62 9.43
N ILE C 61 17.46 22.62 10.12
CA ILE C 61 16.90 23.79 9.48
C ILE C 61 17.96 24.88 9.40
N ASP C 62 18.08 25.50 8.23
CA ASP C 62 19.05 26.59 8.04
C ASP C 62 18.74 27.81 8.91
N GLY C 63 19.75 28.31 9.60
CA GLY C 63 19.55 29.48 10.43
C GLY C 63 19.09 29.20 11.84
N VAL C 64 18.46 28.03 12.04
CA VAL C 64 17.97 27.63 13.36
C VAL C 64 19.09 26.88 14.07
N LEU C 65 19.67 27.52 15.08
CA LEU C 65 20.78 26.96 15.86
C LEU C 65 20.33 25.84 16.79
N HIS C 66 19.33 26.12 17.61
CA HIS C 66 18.76 25.15 18.56
C HIS C 66 17.23 25.28 18.55
N GLU C 67 16.54 24.46 19.34
CA GLU C 67 15.08 24.46 19.40
C GLU C 67 14.44 25.76 19.87
N TYR C 68 15.03 26.41 20.88
CA TYR C 68 14.47 27.67 21.40
C TYR C 68 14.95 28.88 20.60
N SER C 69 15.27 28.65 19.33
CA SER C 69 15.74 29.70 18.43
C SER C 69 14.63 30.54 17.77
N THR C 70 14.90 31.07 16.59
CA THR C 70 13.93 31.89 15.86
C THR C 70 13.96 31.76 14.34
N LYS C 71 12.76 31.89 13.75
CA LYS C 71 12.59 31.83 12.30
C LYS C 71 11.60 32.93 12.01
N GLU C 72 12.13 34.15 11.83
CA GLU C 72 11.37 35.37 11.57
C GLU C 72 10.17 35.24 10.63
N GLY C 73 10.45 34.77 9.42
CA GLY C 73 9.44 34.57 8.40
C GLY C 73 8.61 33.31 8.51
N VAL C 74 8.56 32.71 9.70
CA VAL C 74 7.78 31.49 9.93
C VAL C 74 6.80 31.68 11.08
N GLN C 75 5.53 31.41 10.81
CA GLN C 75 4.43 31.53 11.77
C GLN C 75 4.68 30.83 13.10
N GLU C 76 4.88 29.50 13.05
CA GLU C 76 5.10 28.71 14.26
C GLU C 76 6.56 28.63 14.70
N ASP C 77 6.78 28.49 16.01
CA ASP C 77 8.13 28.40 16.54
C ASP C 77 8.74 27.03 16.23
N ILE C 78 10.07 26.97 16.24
CA ILE C 78 10.80 25.75 15.92
C ILE C 78 10.28 24.51 16.61
N LEU C 79 9.83 24.65 17.86
CA LEU C 79 9.30 23.53 18.61
C LEU C 79 8.05 23.02 17.90
N GLU C 80 7.17 23.95 17.53
CA GLU C 80 5.96 23.60 16.81
C GLU C 80 6.28 22.91 15.51
N ILE C 81 7.39 23.29 14.88
CA ILE C 81 7.80 22.68 13.62
C ILE C 81 8.24 21.23 13.85
N LEU C 82 9.00 20.99 14.92
CA LEU C 82 9.47 19.65 15.24
C LEU C 82 8.29 18.75 15.58
N LEU C 83 7.28 19.34 16.23
CA LEU C 83 6.06 18.62 16.58
C LEU C 83 5.31 18.31 15.28
N ASN C 84 5.44 19.18 14.29
CA ASN C 84 4.81 19.00 12.98
C ASN C 84 5.54 17.91 12.20
N LEU C 85 6.86 17.88 12.32
CA LEU C 85 7.69 16.88 11.67
C LEU C 85 7.44 15.49 12.24
N LYS C 86 7.03 15.40 13.51
CA LYS C 86 6.77 14.11 14.13
C LYS C 86 5.64 13.39 13.39
N GLY C 87 4.68 14.18 12.92
CA GLY C 87 3.56 13.63 12.20
C GLY C 87 3.85 13.42 10.74
N LEU C 88 5.11 13.41 10.35
CA LEU C 88 5.43 13.19 8.95
C LEU C 88 5.38 11.68 8.69
N ALA C 89 4.33 11.22 8.03
CA ALA C 89 4.18 9.82 7.71
C ALA C 89 4.83 9.55 6.38
N VAL C 90 5.93 8.79 6.42
CA VAL C 90 6.69 8.42 5.22
C VAL C 90 6.91 6.93 5.13
N ARG C 91 6.74 6.38 3.94
CA ARG C 91 6.92 4.95 3.68
C ARG C 91 8.12 4.84 2.73
N VAL C 92 9.24 4.31 3.22
CA VAL C 92 10.43 4.18 2.40
C VAL C 92 10.73 2.75 1.95
N GLN C 93 11.21 2.64 0.71
CA GLN C 93 11.54 1.37 0.06
C GLN C 93 12.22 0.33 0.95
N GLY C 94 13.52 0.44 1.18
CA GLY C 94 14.17 -0.57 2.00
C GLY C 94 15.24 -0.06 2.94
N LYS C 95 15.67 1.18 2.71
CA LYS C 95 16.70 1.79 3.54
C LYS C 95 16.20 2.08 4.95
N ASP C 96 17.14 2.13 5.87
CA ASP C 96 16.84 2.41 7.27
C ASP C 96 17.18 3.84 7.64
N GLU C 97 17.40 4.66 6.62
CA GLU C 97 17.71 6.06 6.82
C GLU C 97 17.76 6.77 5.48
N VAL C 98 16.97 7.83 5.39
CA VAL C 98 16.87 8.63 4.18
C VAL C 98 16.81 10.10 4.62
N ILE C 99 17.54 10.94 3.90
CA ILE C 99 17.55 12.37 4.19
C ILE C 99 16.60 13.07 3.22
N LEU C 100 15.66 13.80 3.77
CA LEU C 100 14.71 14.53 2.97
C LEU C 100 15.06 16.00 2.99
N THR C 101 15.05 16.64 1.82
CA THR C 101 15.37 18.08 1.75
C THR C 101 14.10 18.84 1.44
N LEU C 102 13.92 19.94 2.17
CA LEU C 102 12.73 20.76 2.01
C LEU C 102 13.14 22.20 1.83
N ASN C 103 13.07 22.67 0.59
CA ASN C 103 13.38 24.06 0.27
C ASN C 103 12.05 24.73 -0.07
N LYS C 104 11.75 25.85 0.58
CA LYS C 104 10.49 26.54 0.30
C LYS C 104 10.48 28.02 0.61
N SER C 105 10.21 28.82 -0.40
CA SER C 105 10.14 30.27 -0.27
C SER C 105 8.77 30.70 -0.76
N GLY C 106 8.12 31.57 0.01
CA GLY C 106 6.80 32.02 -0.36
C GLY C 106 5.93 32.40 0.83
N ILE C 107 4.66 32.66 0.54
CA ILE C 107 3.69 33.05 1.55
C ILE C 107 2.68 31.93 1.58
N GLY C 108 2.54 31.30 2.74
CA GLY C 108 1.61 30.19 2.84
C GLY C 108 2.24 29.00 3.51
N PRO C 109 1.51 27.87 3.56
CA PRO C 109 1.96 26.63 4.19
C PRO C 109 3.01 25.83 3.44
N VAL C 110 4.01 25.38 4.19
CA VAL C 110 5.04 24.53 3.63
C VAL C 110 4.54 23.16 4.04
N THR C 111 3.96 22.43 3.09
CA THR C 111 3.42 21.10 3.35
C THR C 111 4.39 19.98 2.95
N ALA C 112 4.03 18.75 3.26
CA ALA C 112 4.88 17.60 2.96
C ALA C 112 5.04 17.42 1.45
N ALA C 113 4.15 18.05 0.69
CA ALA C 113 4.20 17.97 -0.77
C ALA C 113 5.37 18.79 -1.33
N ASP C 114 5.88 19.74 -0.54
CA ASP C 114 7.00 20.58 -0.95
C ASP C 114 8.36 19.90 -0.76
N ILE C 115 8.36 18.74 -0.11
CA ILE C 115 9.59 17.99 0.12
C ILE C 115 10.10 17.50 -1.24
N THR C 116 11.40 17.59 -1.44
CA THR C 116 12.00 17.16 -2.70
C THR C 116 11.70 15.71 -2.99
N HIS C 117 10.97 15.52 -4.09
CA HIS C 117 10.58 14.21 -4.57
C HIS C 117 11.72 13.21 -4.74
N ASP C 118 11.81 12.27 -3.80
CA ASP C 118 12.79 11.20 -3.84
C ASP C 118 12.00 10.04 -4.43
N GLY C 119 12.57 9.36 -5.43
CA GLY C 119 11.85 8.26 -6.04
C GLY C 119 11.55 7.12 -5.07
N ASP C 120 12.55 6.72 -4.29
CA ASP C 120 12.41 5.62 -3.36
C ASP C 120 11.75 5.98 -2.02
N VAL C 121 11.05 7.11 -1.97
CA VAL C 121 10.40 7.57 -0.75
C VAL C 121 8.93 7.86 -1.02
N GLU C 122 8.08 7.48 -0.07
CA GLU C 122 6.66 7.68 -0.29
C GLU C 122 6.07 8.55 0.79
N ILE C 123 5.47 9.66 0.38
CA ILE C 123 4.85 10.59 1.32
C ILE C 123 3.35 10.35 1.36
N VAL C 124 2.93 9.76 2.46
CA VAL C 124 1.54 9.39 2.67
C VAL C 124 0.52 10.52 2.59
N LYS C 125 0.77 11.61 3.30
CA LYS C 125 -0.16 12.72 3.29
C LYS C 125 0.60 13.97 2.86
N PRO C 126 0.71 14.21 1.55
CA PRO C 126 1.42 15.36 1.01
C PRO C 126 0.85 16.68 1.46
N GLN C 127 -0.44 16.68 1.80
CA GLN C 127 -1.11 17.88 2.26
C GLN C 127 -0.81 18.16 3.73
N HIS C 128 0.16 17.46 4.29
CA HIS C 128 0.53 17.62 5.68
C HIS C 128 1.37 18.87 5.86
N VAL C 129 0.80 19.85 6.54
CA VAL C 129 1.47 21.11 6.81
C VAL C 129 2.60 21.00 7.82
N ILE C 130 3.79 21.41 7.43
CA ILE C 130 4.94 21.42 8.32
C ILE C 130 5.24 22.87 8.75
N CYS C 131 4.92 23.81 7.86
CA CYS C 131 5.20 25.23 8.09
C CYS C 131 4.22 26.21 7.46
N HIS C 132 4.51 27.49 7.73
CA HIS C 132 3.75 28.63 7.23
C HIS C 132 4.69 29.82 7.15
N LEU C 133 5.15 30.13 5.94
CA LEU C 133 6.04 31.26 5.72
C LEU C 133 5.19 32.50 5.57
N THR C 134 5.42 33.46 6.44
CA THR C 134 4.68 34.71 6.48
C THR C 134 4.99 35.71 5.36
N ASP C 135 6.22 36.21 5.27
CA ASP C 135 6.53 37.15 4.21
C ASP C 135 7.00 36.47 2.93
N GLU C 136 6.76 37.16 1.82
CA GLU C 136 7.09 36.74 0.45
C GLU C 136 8.59 36.62 0.20
N ASN C 137 9.38 37.06 1.16
CA ASN C 137 10.83 36.96 1.07
C ASN C 137 11.29 35.94 2.10
N ALA C 138 10.32 35.21 2.66
CA ALA C 138 10.59 34.19 3.65
C ALA C 138 10.83 32.85 2.98
N SER C 139 11.70 32.04 3.58
CA SER C 139 12.01 30.72 3.06
C SER C 139 12.67 29.80 4.10
N ILE C 140 12.44 28.50 3.95
CA ILE C 140 13.04 27.50 4.85
C ILE C 140 13.77 26.49 3.98
N SER C 141 14.89 26.02 4.50
CA SER C 141 15.70 25.01 3.84
C SER C 141 16.17 24.08 4.95
N MET C 142 15.60 22.89 4.98
CA MET C 142 15.94 21.90 6.01
C MET C 142 16.15 20.50 5.46
N ARG C 143 16.96 19.74 6.18
CA ARG C 143 17.24 18.34 5.84
C ARG C 143 16.66 17.51 6.97
N ILE C 144 15.55 16.86 6.66
CA ILE C 144 14.79 16.01 7.59
C ILE C 144 15.26 14.57 7.58
N LYS C 145 15.79 14.09 8.70
CA LYS C 145 16.26 12.70 8.76
C LYS C 145 15.12 11.76 9.13
N VAL C 146 14.91 10.76 8.27
CA VAL C 146 13.87 9.74 8.47
C VAL C 146 14.55 8.39 8.67
N GLN C 147 14.29 7.74 9.80
CA GLN C 147 14.88 6.44 10.10
C GLN C 147 13.89 5.32 10.36
N ARG C 148 14.36 4.08 10.16
CA ARG C 148 13.55 2.89 10.38
C ARG C 148 13.79 2.45 11.82
N GLY C 149 12.71 2.27 12.56
CA GLY C 149 12.83 1.83 13.94
C GLY C 149 11.57 1.14 14.39
N ARG C 150 11.41 1.03 15.71
CA ARG C 150 10.23 0.41 16.29
C ARG C 150 9.77 1.13 17.56
N GLY C 151 8.46 1.27 17.72
CA GLY C 151 7.95 1.92 18.91
C GLY C 151 7.91 3.44 18.99
N TYR C 152 8.49 4.00 20.05
CA TYR C 152 8.48 5.44 20.26
C TYR C 152 9.69 5.94 21.03
N VAL C 153 10.78 6.21 20.34
CA VAL C 153 11.95 6.74 21.02
C VAL C 153 11.97 8.26 20.98
N PRO C 154 11.61 8.91 22.11
CA PRO C 154 11.60 10.36 22.19
C PRO C 154 13.02 10.97 22.20
N ALA C 155 13.11 12.28 22.10
CA ALA C 155 14.40 12.97 22.05
C ALA C 155 15.30 12.75 23.27
N SER C 156 14.69 12.65 24.45
CA SER C 156 15.41 12.45 25.72
C SER C 156 16.58 11.46 25.61
N THR C 157 16.25 10.17 25.53
CA THR C 157 17.24 9.11 25.42
C THR C 157 18.15 9.33 24.22
N ARG C 158 19.29 9.98 24.46
CA ARG C 158 20.26 10.27 23.41
C ARG C 158 21.60 10.69 24.01
N ILE C 159 22.55 11.02 23.14
CA ILE C 159 23.88 11.45 23.56
C ILE C 159 24.39 12.56 22.65
N HIS C 160 23.50 13.50 22.32
CA HIS C 160 23.84 14.63 21.47
C HIS C 160 23.14 15.91 21.93
N ILE C 168 26.21 23.39 16.15
CA ILE C 168 25.59 22.37 15.27
C ILE C 168 24.09 22.37 15.51
N GLY C 169 23.34 22.82 14.50
CA GLY C 169 21.89 22.87 14.59
C GLY C 169 21.19 21.55 14.37
N ARG C 170 21.61 20.51 15.07
CA ARG C 170 20.98 19.20 14.96
C ARG C 170 19.76 19.23 15.86
N LEU C 171 18.59 19.36 15.25
CA LEU C 171 17.32 19.40 15.97
C LEU C 171 16.70 18.02 16.05
N LEU C 172 16.63 17.50 17.27
CA LEU C 172 16.08 16.18 17.50
C LEU C 172 14.56 16.24 17.61
N VAL C 173 13.91 15.28 16.98
CA VAL C 173 12.46 15.19 17.01
C VAL C 173 11.99 13.80 17.53
N ASP C 174 10.95 13.82 18.34
CA ASP C 174 10.38 12.59 18.93
C ASP C 174 9.96 11.64 17.83
N ALA C 175 10.48 10.41 17.90
CA ALA C 175 10.20 9.41 16.90
C ALA C 175 9.00 8.48 17.17
N CYS C 176 8.04 8.51 16.25
CA CYS C 176 6.85 7.68 16.35
C CYS C 176 7.00 6.69 15.20
N TYR C 177 7.88 5.70 15.41
CA TYR C 177 8.17 4.69 14.41
C TYR C 177 7.01 3.79 14.04
N SER C 178 6.20 3.47 15.04
CA SER C 178 5.07 2.58 14.87
C SER C 178 4.01 3.01 13.85
N PRO C 179 3.76 2.17 12.87
CA PRO C 179 2.76 2.54 11.88
C PRO C 179 1.37 2.44 12.47
N VAL C 180 1.27 1.82 13.65
CA VAL C 180 -0.02 1.61 14.29
C VAL C 180 -0.31 2.64 15.39
N GLU C 181 -1.34 3.43 15.15
CA GLU C 181 -1.75 4.52 16.05
C GLU C 181 -2.79 4.17 17.09
N ARG C 182 -3.69 3.24 16.76
CA ARG C 182 -4.73 2.85 17.70
C ARG C 182 -5.32 1.51 17.36
N ILE C 183 -5.30 0.58 18.32
CA ILE C 183 -5.88 -0.74 18.08
C ILE C 183 -7.04 -0.96 19.02
N ALA C 184 -8.07 -1.60 18.49
CA ALA C 184 -9.26 -1.94 19.24
C ALA C 184 -9.78 -3.24 18.63
N TYR C 185 -10.41 -4.10 19.42
CA TYR C 185 -10.97 -5.34 18.90
C TYR C 185 -12.27 -5.70 19.58
N ASN C 186 -13.13 -6.41 18.83
CA ASN C 186 -14.43 -6.89 19.32
C ASN C 186 -14.55 -8.34 18.91
N VAL C 187 -15.12 -9.18 19.78
CA VAL C 187 -15.24 -10.60 19.48
C VAL C 187 -16.46 -11.07 18.70
N GLU C 188 -17.62 -10.46 18.91
CA GLU C 188 -18.85 -10.78 18.18
C GLU C 188 -19.12 -12.21 17.67
N ALA C 189 -20.35 -12.66 17.86
CA ALA C 189 -20.75 -13.99 17.42
C ALA C 189 -20.82 -14.07 15.91
N ALA C 190 -19.93 -14.85 15.33
CA ALA C 190 -19.92 -15.04 13.90
C ALA C 190 -20.92 -16.15 13.66
N ARG C 191 -22.21 -15.84 13.85
CA ARG C 191 -23.29 -16.81 13.67
C ARG C 191 -23.24 -17.59 12.37
N VAL C 192 -22.37 -18.58 12.32
CA VAL C 192 -22.20 -19.43 11.14
C VAL C 192 -23.39 -20.38 11.02
N GLU C 193 -23.75 -20.73 9.78
CA GLU C 193 -24.86 -21.66 9.57
C GLU C 193 -24.48 -23.03 10.10
N GLN C 194 -23.29 -23.49 9.70
CA GLN C 194 -22.74 -24.78 10.11
C GLN C 194 -22.85 -25.07 11.62
N ARG C 195 -21.91 -24.54 12.40
CA ARG C 195 -21.92 -24.74 13.86
C ARG C 195 -22.84 -23.78 14.60
N THR C 196 -22.39 -23.19 15.71
CA THR C 196 -23.21 -22.27 16.51
C THR C 196 -22.42 -21.62 17.65
N ASP C 197 -21.19 -22.08 17.86
CA ASP C 197 -20.38 -21.57 18.96
C ASP C 197 -19.18 -20.81 18.41
N LEU C 198 -19.21 -20.52 17.11
CA LEU C 198 -18.11 -19.80 16.49
C LEU C 198 -18.26 -18.29 16.55
N ASP C 199 -17.11 -17.63 16.71
CA ASP C 199 -17.01 -16.17 16.75
C ASP C 199 -16.19 -15.64 15.58
N LYS C 200 -16.08 -14.32 15.48
CA LYS C 200 -15.31 -13.66 14.43
C LYS C 200 -14.65 -12.48 15.11
N LEU C 201 -13.34 -12.39 15.03
CA LEU C 201 -12.61 -11.29 15.68
C LEU C 201 -12.48 -10.08 14.76
N VAL C 202 -13.03 -8.96 15.22
CA VAL C 202 -12.97 -7.73 14.46
C VAL C 202 -11.93 -6.79 15.04
N ILE C 203 -10.81 -6.64 14.33
CA ILE C 203 -9.73 -5.76 14.75
C ILE C 203 -9.84 -4.40 14.06
N GLU C 204 -10.10 -3.38 14.85
CA GLU C 204 -10.23 -2.00 14.39
C GLU C 204 -8.86 -1.32 14.48
N MET C 205 -8.37 -0.83 13.35
CA MET C 205 -7.06 -0.22 13.25
C MET C 205 -7.10 1.24 12.85
N GLU C 206 -6.19 2.02 13.40
CA GLU C 206 -6.05 3.44 13.08
C GLU C 206 -4.55 3.58 12.88
N THR C 207 -4.12 3.43 11.63
CA THR C 207 -2.71 3.50 11.26
C THR C 207 -2.29 4.90 10.81
N ASN C 208 -1.03 5.06 10.45
CA ASN C 208 -0.53 6.35 9.97
C ASN C 208 -0.43 6.32 8.44
N GLY C 209 -1.02 5.29 7.85
CA GLY C 209 -1.00 5.12 6.41
C GLY C 209 0.19 4.37 5.85
N THR C 210 1.31 4.42 6.55
CA THR C 210 2.52 3.76 6.09
C THR C 210 2.42 2.24 6.11
N ILE C 211 1.34 1.71 6.69
CA ILE C 211 1.17 0.26 6.75
C ILE C 211 -0.25 -0.13 6.41
N ASP C 212 -0.38 -1.19 5.61
CA ASP C 212 -1.68 -1.72 5.23
C ASP C 212 -2.25 -2.56 6.38
N PRO C 213 -3.58 -2.54 6.56
CA PRO C 213 -4.24 -3.30 7.63
C PRO C 213 -3.84 -4.79 7.64
N GLU C 214 -4.08 -5.48 6.54
CA GLU C 214 -3.75 -6.90 6.45
C GLU C 214 -2.28 -7.18 6.72
N GLU C 215 -1.38 -6.33 6.28
CA GLU C 215 0.04 -6.57 6.51
C GLU C 215 0.42 -6.26 7.93
N ALA C 216 -0.40 -5.44 8.58
CA ALA C 216 -0.15 -5.08 9.97
C ALA C 216 -0.48 -6.31 10.81
N ILE C 217 -1.51 -7.03 10.39
CA ILE C 217 -1.96 -8.24 11.07
C ILE C 217 -0.98 -9.38 10.81
N ARG C 218 -0.63 -9.58 9.54
CA ARG C 218 0.29 -10.65 9.19
C ARG C 218 1.70 -10.46 9.76
N ARG C 219 2.00 -9.27 10.26
CA ARG C 219 3.31 -9.02 10.84
C ARG C 219 3.21 -9.21 12.35
N ALA C 220 2.01 -8.95 12.90
CA ALA C 220 1.74 -9.13 14.34
C ALA C 220 1.74 -10.63 14.61
N ALA C 221 1.03 -11.37 13.76
CA ALA C 221 0.96 -12.79 13.85
C ALA C 221 2.35 -13.40 13.73
N THR C 222 3.15 -12.88 12.81
CA THR C 222 4.52 -13.37 12.58
C THR C 222 5.45 -13.14 13.77
N ILE C 223 5.24 -12.03 14.48
CA ILE C 223 6.07 -11.75 15.67
C ILE C 223 5.68 -12.74 16.78
N LEU C 224 4.37 -13.00 16.87
CA LEU C 224 3.81 -13.90 17.86
C LEU C 224 4.33 -15.31 17.62
N ALA C 225 4.04 -15.84 16.44
CA ALA C 225 4.45 -17.18 16.04
C ALA C 225 5.95 -17.42 16.16
N GLU C 226 6.74 -16.40 15.89
CA GLU C 226 8.19 -16.55 15.99
C GLU C 226 8.68 -16.56 17.43
N GLN C 227 7.90 -16.02 18.34
CA GLN C 227 8.29 -16.01 19.76
C GLN C 227 8.16 -17.44 20.29
N LEU C 228 7.20 -18.16 19.73
CA LEU C 228 6.89 -19.54 20.09
C LEU C 228 7.74 -20.58 19.37
N GLU C 229 8.71 -20.15 18.57
CA GLU C 229 9.52 -21.11 17.82
C GLU C 229 10.22 -22.20 18.62
N ALA C 230 10.57 -21.90 19.87
CA ALA C 230 11.25 -22.89 20.71
C ALA C 230 10.30 -23.87 21.37
N PHE C 231 8.99 -23.69 21.16
CA PHE C 231 7.98 -24.57 21.74
C PHE C 231 7.13 -25.23 20.66
N VAL C 232 7.83 -25.62 19.58
CA VAL C 232 7.24 -26.25 18.38
C VAL C 232 6.18 -27.33 18.56
N ASP C 233 6.58 -28.54 19.02
CA ASP C 233 5.64 -29.66 19.22
C ASP C 233 4.62 -29.78 18.11
N LEU C 234 4.92 -30.52 17.05
CA LEU C 234 3.91 -30.64 16.00
C LEU C 234 2.83 -31.55 16.57
N ARG C 235 1.60 -31.03 16.59
CA ARG C 235 0.45 -31.73 17.13
C ARG C 235 0.61 -31.72 18.66
N MET D 1 13.75 -8.58 9.93
CA MET D 1 14.43 -7.67 8.96
C MET D 1 14.78 -8.36 7.63
N GLN D 2 14.91 -9.68 7.65
CA GLN D 2 15.23 -10.44 6.44
C GLN D 2 14.41 -11.71 6.38
N GLY D 3 14.82 -12.72 7.14
CA GLY D 3 14.12 -13.99 7.18
C GLY D 3 14.43 -14.80 8.43
N SER D 4 13.43 -15.53 8.92
CA SER D 4 13.51 -16.39 10.12
C SER D 4 14.33 -15.85 11.30
N VAL D 5 13.64 -15.22 12.24
CA VAL D 5 14.23 -14.62 13.44
C VAL D 5 15.01 -13.34 13.11
N THR D 6 14.50 -12.24 13.65
CA THR D 6 15.06 -10.90 13.45
C THR D 6 15.87 -10.41 14.66
N GLU D 7 15.60 -9.17 15.08
CA GLU D 7 16.27 -8.60 16.23
C GLU D 7 15.70 -9.17 17.54
N PHE D 8 14.40 -9.41 17.53
CA PHE D 8 13.69 -9.93 18.70
C PHE D 8 14.22 -11.25 19.26
N LEU D 9 14.75 -11.20 20.49
CA LEU D 9 15.25 -12.41 21.16
C LEU D 9 14.00 -13.25 21.46
N LYS D 10 14.14 -14.57 21.31
CA LYS D 10 13.07 -15.53 21.52
C LYS D 10 13.22 -16.32 22.83
N PRO D 11 12.08 -16.65 23.49
CA PRO D 11 12.16 -17.39 24.76
C PRO D 11 12.23 -18.90 24.63
N ARG D 12 12.69 -19.55 25.69
CA ARG D 12 12.76 -21.00 25.68
C ARG D 12 12.64 -21.53 27.10
N LEU D 13 12.09 -22.74 27.22
CA LEU D 13 11.91 -23.38 28.53
C LEU D 13 13.28 -23.49 29.17
N VAL D 14 13.49 -22.70 30.20
CA VAL D 14 14.78 -22.64 30.87
C VAL D 14 14.90 -23.35 32.21
N ASP D 15 13.77 -23.67 32.84
CA ASP D 15 13.80 -24.28 34.16
C ASP D 15 12.43 -24.85 34.51
N ILE D 16 12.41 -25.91 35.32
CA ILE D 16 11.15 -26.52 35.77
C ILE D 16 11.24 -26.84 37.25
N GLU D 17 10.41 -26.21 38.07
CA GLU D 17 10.43 -26.46 39.50
C GLU D 17 9.15 -27.14 39.95
N GLN D 18 9.21 -28.46 40.07
CA GLN D 18 8.06 -29.25 40.51
C GLN D 18 7.83 -29.08 42.00
N VAL D 19 6.94 -28.16 42.35
CA VAL D 19 6.62 -27.88 43.76
C VAL D 19 6.07 -29.15 44.39
N SER D 20 5.47 -29.98 43.55
CA SER D 20 4.91 -31.25 43.97
C SER D 20 4.68 -32.10 42.72
N SER D 21 3.94 -33.19 42.89
CA SER D 21 3.64 -34.11 41.80
C SER D 21 2.70 -33.49 40.76
N THR D 22 1.91 -32.51 41.19
CA THR D 22 0.95 -31.86 40.31
C THR D 22 1.01 -30.32 40.29
N HIS D 23 2.07 -29.76 40.84
CA HIS D 23 2.23 -28.32 40.85
C HIS D 23 3.67 -28.00 40.49
N ALA D 24 3.83 -27.23 39.40
CA ALA D 24 5.15 -26.86 38.93
C ALA D 24 5.25 -25.39 38.56
N LYS D 25 6.48 -24.94 38.32
CA LYS D 25 6.77 -23.58 37.93
C LYS D 25 7.73 -23.61 36.76
N VAL D 26 7.18 -23.44 35.56
CA VAL D 26 7.97 -23.41 34.34
C VAL D 26 8.37 -21.96 34.04
N THR D 27 9.58 -21.77 33.51
CA THR D 27 10.08 -20.45 33.18
C THR D 27 10.72 -20.36 31.79
N LEU D 28 10.12 -19.55 30.93
CA LEU D 28 10.60 -19.28 29.57
C LEU D 28 11.40 -17.97 29.80
N GLU D 29 12.67 -17.93 29.40
CA GLU D 29 13.44 -16.73 29.72
C GLU D 29 13.70 -15.56 28.79
N PRO D 30 14.59 -15.67 27.79
CA PRO D 30 14.79 -14.48 26.95
C PRO D 30 13.46 -13.94 26.45
N LEU D 31 12.98 -12.91 27.11
CA LEU D 31 11.72 -12.29 26.74
C LEU D 31 11.87 -10.78 26.63
N GLU D 32 11.70 -10.27 25.41
CA GLU D 32 11.79 -8.84 25.14
C GLU D 32 10.67 -8.19 25.93
N ARG D 33 10.88 -6.95 26.37
CA ARG D 33 9.85 -6.25 27.12
C ARG D 33 8.46 -6.35 26.49
N GLY D 34 7.47 -6.62 27.33
CA GLY D 34 6.10 -6.73 26.87
C GLY D 34 5.68 -8.11 26.40
N PHE D 35 6.65 -8.97 26.10
CA PHE D 35 6.33 -10.31 25.64
C PHE D 35 5.99 -11.29 26.75
N GLY D 36 6.31 -10.92 28.00
CA GLY D 36 5.99 -11.78 29.12
C GLY D 36 4.49 -11.95 29.18
N HIS D 37 3.78 -10.82 29.29
CA HIS D 37 2.33 -10.83 29.36
C HIS D 37 1.65 -11.25 28.08
N THR D 38 2.27 -10.98 26.95
CA THR D 38 1.65 -11.34 25.68
C THR D 38 1.55 -12.84 25.55
N LEU D 39 2.66 -13.54 25.78
CA LEU D 39 2.68 -14.99 25.72
C LEU D 39 1.98 -15.53 26.97
N GLY D 40 2.26 -14.93 28.11
CA GLY D 40 1.64 -15.35 29.36
C GLY D 40 0.13 -15.43 29.32
N ASN D 41 -0.52 -14.43 28.74
CA ASN D 41 -1.97 -14.41 28.65
C ASN D 41 -2.46 -15.34 27.54
N ALA D 42 -1.67 -15.46 26.48
CA ALA D 42 -2.03 -16.32 25.35
C ALA D 42 -2.07 -17.76 25.83
N LEU D 43 -0.97 -18.15 26.45
CA LEU D 43 -0.79 -19.49 26.97
C LEU D 43 -1.78 -19.79 28.12
N ARG D 44 -1.84 -18.92 29.12
CA ARG D 44 -2.77 -19.14 30.22
C ARG D 44 -4.19 -19.42 29.74
N ALA D 45 -4.56 -18.89 28.58
CA ALA D 45 -5.89 -19.11 28.06
C ALA D 45 -5.99 -20.45 27.36
N ILE D 46 -4.89 -20.90 26.74
CA ILE D 46 -4.90 -22.19 26.06
C ILE D 46 -4.86 -23.30 27.09
N LEU D 47 -3.98 -23.14 28.07
CA LEU D 47 -3.81 -24.11 29.15
C LEU D 47 -5.10 -24.27 29.94
N LEU D 48 -5.71 -23.15 30.31
CA LEU D 48 -6.95 -23.15 31.04
C LEU D 48 -8.21 -23.57 30.28
N SER D 49 -8.12 -24.03 29.04
CA SER D 49 -9.37 -24.42 28.37
C SER D 49 -9.27 -25.28 27.12
N SER D 50 -8.09 -25.33 26.54
CA SER D 50 -7.91 -26.09 25.30
C SER D 50 -7.03 -27.33 25.42
N MET D 51 -6.68 -27.70 26.65
CA MET D 51 -5.87 -28.88 26.86
C MET D 51 -6.74 -30.15 26.77
N PRO D 52 -6.20 -31.20 26.13
CA PRO D 52 -6.84 -32.51 25.91
C PRO D 52 -7.15 -33.26 27.21
N GLY D 53 -6.45 -34.35 27.51
CA GLY D 53 -6.74 -35.06 28.74
C GLY D 53 -7.81 -36.15 28.65
N CYS D 54 -7.68 -37.13 29.54
CA CYS D 54 -8.55 -38.30 29.65
C CYS D 54 -9.45 -38.21 30.90
N ALA D 55 -10.65 -38.74 30.79
CA ALA D 55 -11.59 -38.70 31.89
C ALA D 55 -12.59 -39.85 31.86
N VAL D 56 -12.98 -40.31 33.04
CA VAL D 56 -13.95 -41.39 33.15
C VAL D 56 -15.32 -40.80 32.78
N THR D 57 -16.00 -41.45 31.84
CA THR D 57 -17.29 -40.99 31.39
C THR D 57 -18.46 -41.92 31.73
N GLU D 58 -18.17 -43.23 31.74
CA GLU D 58 -19.17 -44.26 32.07
C GLU D 58 -18.53 -45.35 32.91
N VAL D 59 -19.36 -46.08 33.63
CA VAL D 59 -18.91 -47.18 34.48
C VAL D 59 -19.99 -48.23 34.47
N GLU D 60 -19.58 -49.49 34.40
CA GLU D 60 -20.53 -50.59 34.40
C GLU D 60 -20.17 -51.52 35.55
N ILE D 61 -20.85 -51.37 36.67
CA ILE D 61 -20.61 -52.19 37.85
C ILE D 61 -21.58 -53.36 37.86
N ASP D 62 -21.06 -54.56 38.11
CA ASP D 62 -21.89 -55.77 38.14
C ASP D 62 -22.90 -55.74 39.30
N GLY D 63 -24.16 -56.04 38.99
CA GLY D 63 -25.19 -56.05 40.02
C GLY D 63 -25.86 -54.71 40.25
N VAL D 64 -25.17 -53.63 39.91
CA VAL D 64 -25.71 -52.28 40.07
C VAL D 64 -26.48 -51.89 38.82
N LEU D 65 -27.79 -51.66 38.99
CA LEU D 65 -28.67 -51.28 37.90
C LEU D 65 -28.69 -49.76 37.59
N HIS D 66 -28.39 -48.95 38.59
CA HIS D 66 -28.38 -47.51 38.42
C HIS D 66 -27.71 -46.84 39.61
N GLU D 67 -27.28 -45.59 39.41
CA GLU D 67 -26.58 -44.80 40.41
C GLU D 67 -27.11 -44.75 41.85
N TYR D 68 -28.33 -45.22 42.08
CA TYR D 68 -28.85 -45.15 43.44
C TYR D 68 -28.69 -46.36 44.34
N SER D 69 -27.72 -46.18 45.24
CA SER D 69 -27.28 -47.10 46.28
C SER D 69 -27.37 -48.61 46.09
N THR D 70 -27.11 -49.28 47.20
CA THR D 70 -27.12 -50.72 47.35
C THR D 70 -26.06 -51.48 46.59
N LYS D 71 -25.02 -51.82 47.34
CA LYS D 71 -23.89 -52.60 46.90
C LYS D 71 -23.51 -53.36 48.17
N GLU D 72 -23.75 -54.65 48.15
CA GLU D 72 -23.48 -55.56 49.26
C GLU D 72 -21.98 -55.88 49.43
N GLY D 73 -21.40 -55.34 50.49
CA GLY D 73 -19.98 -55.55 50.78
C GLY D 73 -19.08 -54.36 50.50
N VAL D 74 -19.67 -53.20 50.19
CA VAL D 74 -18.92 -51.98 49.89
C VAL D 74 -19.32 -50.84 50.83
N GLN D 75 -18.31 -50.24 51.47
CA GLN D 75 -18.50 -49.15 52.42
C GLN D 75 -19.32 -48.00 51.86
N GLU D 76 -18.82 -47.37 50.79
CA GLU D 76 -19.49 -46.22 50.16
C GLU D 76 -20.55 -46.56 49.13
N ASP D 77 -21.59 -45.73 49.04
CA ASP D 77 -22.64 -45.99 48.07
C ASP D 77 -22.18 -45.75 46.64
N ILE D 78 -22.88 -46.33 45.68
CA ILE D 78 -22.53 -46.22 44.26
C ILE D 78 -22.22 -44.80 43.80
N LEU D 79 -22.97 -43.82 44.31
CA LEU D 79 -22.75 -42.43 43.96
C LEU D 79 -21.36 -42.02 44.39
N GLU D 80 -20.99 -42.36 45.63
CA GLU D 80 -19.68 -42.05 46.17
C GLU D 80 -18.59 -42.70 45.33
N ILE D 81 -18.90 -43.87 44.76
CA ILE D 81 -17.93 -44.59 43.94
C ILE D 81 -17.73 -43.86 42.62
N LEU D 82 -18.81 -43.35 42.03
CA LEU D 82 -18.75 -42.61 40.77
C LEU D 82 -17.97 -41.29 40.98
N LEU D 83 -18.17 -40.68 42.15
CA LEU D 83 -17.49 -39.46 42.52
C LEU D 83 -15.99 -39.78 42.69
N ASN D 84 -15.70 -41.01 43.12
CA ASN D 84 -14.32 -41.49 43.31
C ASN D 84 -13.69 -41.76 41.95
N LEU D 85 -14.48 -42.31 41.04
CA LEU D 85 -14.02 -42.60 39.69
C LEU D 85 -13.70 -41.33 38.91
N LYS D 86 -14.39 -40.22 39.24
CA LYS D 86 -14.16 -38.93 38.56
C LYS D 86 -12.71 -38.50 38.76
N GLY D 87 -12.20 -38.76 39.95
CA GLY D 87 -10.84 -38.40 40.28
C GLY D 87 -9.82 -39.38 39.79
N LEU D 88 -10.20 -40.26 38.88
CA LEU D 88 -9.24 -41.23 38.38
C LEU D 88 -8.40 -40.53 37.31
N ALA D 89 -7.16 -40.22 37.66
CA ALA D 89 -6.22 -39.57 36.74
C ALA D 89 -5.48 -40.63 35.93
N VAL D 90 -5.78 -40.70 34.64
CA VAL D 90 -5.16 -41.68 33.75
C VAL D 90 -4.59 -41.00 32.52
N ARG D 91 -3.38 -41.40 32.14
CA ARG D 91 -2.69 -40.87 30.96
C ARG D 91 -2.59 -42.03 29.96
N VAL D 92 -3.32 -41.95 28.86
CA VAL D 92 -3.30 -43.03 27.86
C VAL D 92 -2.50 -42.69 26.60
N GLN D 93 -1.79 -43.68 26.07
CA GLN D 93 -0.96 -43.57 24.88
C GLN D 93 -1.59 -42.78 23.75
N GLY D 94 -2.52 -43.43 23.04
CA GLY D 94 -3.19 -42.78 21.93
C GLY D 94 -4.59 -43.24 21.58
N LYS D 95 -5.35 -43.72 22.56
CA LYS D 95 -6.71 -44.15 22.31
C LYS D 95 -7.66 -43.10 22.88
N ASP D 96 -8.63 -42.65 22.08
CA ASP D 96 -9.58 -41.65 22.57
C ASP D 96 -10.65 -42.32 23.40
N GLU D 97 -10.42 -43.59 23.71
CA GLU D 97 -11.34 -44.36 24.52
C GLU D 97 -10.74 -45.72 24.85
N VAL D 98 -10.68 -45.99 26.15
CA VAL D 98 -10.14 -47.23 26.65
C VAL D 98 -11.04 -47.70 27.78
N ILE D 99 -11.35 -48.99 27.79
CA ILE D 99 -12.17 -49.60 28.84
C ILE D 99 -11.28 -50.25 29.88
N LEU D 100 -11.43 -49.84 31.13
CA LEU D 100 -10.62 -50.39 32.19
C LEU D 100 -11.48 -51.31 33.02
N THR D 101 -10.96 -52.50 33.33
CA THR D 101 -11.69 -53.46 34.12
C THR D 101 -11.09 -53.52 35.52
N LEU D 102 -11.97 -53.53 36.52
CA LEU D 102 -11.54 -53.57 37.91
C LEU D 102 -12.27 -54.68 38.64
N ASN D 103 -11.56 -55.79 38.87
CA ASN D 103 -12.12 -56.91 39.60
C ASN D 103 -11.40 -56.94 40.94
N LYS D 104 -12.16 -56.95 42.04
CA LYS D 104 -11.54 -56.97 43.37
C LYS D 104 -12.40 -57.56 44.47
N SER D 105 -11.89 -58.61 45.11
CA SER D 105 -12.57 -59.27 46.21
C SER D 105 -11.60 -59.22 47.38
N GLY D 106 -12.07 -58.75 48.52
CA GLY D 106 -11.19 -58.64 49.68
C GLY D 106 -11.47 -57.43 50.54
N ILE D 107 -11.24 -57.56 51.85
CA ILE D 107 -11.46 -56.47 52.79
C ILE D 107 -10.36 -55.42 52.63
N GLY D 108 -10.75 -54.14 52.63
CA GLY D 108 -9.79 -53.06 52.46
C GLY D 108 -10.14 -52.19 51.26
N PRO D 109 -9.33 -51.16 50.95
CA PRO D 109 -9.52 -50.24 49.84
C PRO D 109 -9.24 -50.79 48.45
N VAL D 110 -10.15 -50.49 47.53
CA VAL D 110 -9.98 -50.87 46.15
C VAL D 110 -9.41 -49.58 45.56
N THR D 111 -8.12 -49.56 45.31
CA THR D 111 -7.45 -48.39 44.76
C THR D 111 -7.24 -48.51 43.25
N ALA D 112 -6.78 -47.42 42.63
CA ALA D 112 -6.55 -47.38 41.18
C ALA D 112 -5.47 -48.36 40.76
N ALA D 113 -4.69 -48.84 41.72
CA ALA D 113 -3.64 -49.80 41.46
C ALA D 113 -4.24 -51.18 41.17
N ASP D 114 -5.48 -51.42 41.61
CA ASP D 114 -6.13 -52.70 41.39
C ASP D 114 -6.75 -52.82 40.00
N ILE D 115 -6.76 -51.72 39.25
CA ILE D 115 -7.31 -51.72 37.90
C ILE D 115 -6.42 -52.59 37.02
N THR D 116 -7.04 -53.40 36.17
CA THR D 116 -6.30 -54.30 35.29
C THR D 116 -5.32 -53.55 34.41
N HIS D 117 -4.05 -53.86 34.63
CA HIS D 117 -2.93 -53.26 33.92
C HIS D 117 -3.02 -53.34 32.40
N ASP D 118 -3.38 -52.22 31.80
CA ASP D 118 -3.47 -52.11 30.35
C ASP D 118 -2.11 -51.52 29.98
N GLY D 119 -1.43 -52.14 29.02
CA GLY D 119 -0.13 -51.67 28.61
C GLY D 119 -0.02 -50.16 28.34
N ASP D 120 -0.87 -49.65 27.46
CA ASP D 120 -0.85 -48.23 27.10
C ASP D 120 -1.42 -47.31 28.17
N VAL D 121 -2.27 -47.87 29.05
CA VAL D 121 -2.85 -47.05 30.11
C VAL D 121 -1.86 -46.85 31.24
N GLU D 122 -1.63 -45.58 31.58
CA GLU D 122 -0.73 -45.19 32.67
C GLU D 122 -1.60 -44.64 33.79
N ILE D 123 -1.46 -45.20 34.98
CA ILE D 123 -2.24 -44.75 36.13
C ILE D 123 -1.39 -43.84 36.99
N VAL D 124 -1.72 -42.57 36.95
CA VAL D 124 -0.99 -41.52 37.66
C VAL D 124 -0.90 -41.66 39.19
N LYS D 125 -2.02 -41.92 39.85
CA LYS D 125 -2.01 -42.08 41.29
C LYS D 125 -2.62 -43.45 41.64
N PRO D 126 -1.80 -44.51 41.62
CA PRO D 126 -2.26 -45.87 41.92
C PRO D 126 -2.89 -46.02 43.31
N GLN D 127 -2.45 -45.16 44.23
CA GLN D 127 -2.96 -45.17 45.60
C GLN D 127 -4.30 -44.48 45.69
N HIS D 128 -4.92 -44.23 44.54
CA HIS D 128 -6.22 -43.56 44.51
C HIS D 128 -7.32 -44.54 44.85
N VAL D 129 -7.95 -44.30 45.98
CA VAL D 129 -9.04 -45.14 46.45
C VAL D 129 -10.33 -44.97 45.67
N ILE D 130 -10.82 -46.06 45.09
CA ILE D 130 -12.08 -46.05 44.37
C ILE D 130 -13.18 -46.68 45.25
N CYS D 131 -12.77 -47.65 46.07
CA CYS D 131 -13.69 -48.42 46.93
C CYS D 131 -13.14 -48.89 48.27
N HIS D 132 -14.02 -49.58 48.99
CA HIS D 132 -13.74 -50.18 50.30
C HIS D 132 -14.69 -51.34 50.50
N LEU D 133 -14.17 -52.56 50.31
CA LEU D 133 -14.96 -53.78 50.48
C LEU D 133 -14.92 -54.14 51.97
N THR D 134 -16.11 -54.20 52.56
CA THR D 134 -16.28 -54.47 53.97
C THR D 134 -16.03 -55.91 54.42
N ASP D 135 -16.80 -56.88 53.90
CA ASP D 135 -16.59 -58.27 54.28
C ASP D 135 -15.66 -59.00 53.33
N GLU D 136 -15.18 -60.18 53.71
CA GLU D 136 -14.26 -60.97 52.88
C GLU D 136 -14.85 -61.72 51.69
N ASN D 137 -16.17 -61.78 51.60
CA ASN D 137 -16.83 -62.43 50.49
C ASN D 137 -17.38 -61.35 49.53
N ALA D 138 -16.94 -60.11 49.76
CA ALA D 138 -17.36 -58.97 48.95
C ALA D 138 -16.43 -58.81 47.76
N SER D 139 -16.98 -58.33 46.65
CA SER D 139 -16.20 -58.11 45.45
C SER D 139 -16.91 -57.18 44.44
N ILE D 140 -16.12 -56.42 43.69
CA ILE D 140 -16.64 -55.53 42.65
C ILE D 140 -15.98 -55.89 41.34
N SER D 141 -16.76 -55.79 40.27
CA SER D 141 -16.32 -56.06 38.91
C SER D 141 -16.95 -54.98 38.05
N MET D 142 -16.14 -54.04 37.60
CA MET D 142 -16.62 -52.93 36.78
C MET D 142 -15.74 -52.63 35.59
N ARG D 143 -16.36 -52.07 34.56
CA ARG D 143 -15.65 -51.66 33.36
C ARG D 143 -15.77 -50.13 33.31
N ILE D 144 -14.66 -49.46 33.58
CA ILE D 144 -14.55 -48.00 33.60
C ILE D 144 -14.16 -47.43 32.23
N LYS D 145 -15.06 -46.63 31.64
CA LYS D 145 -14.75 -46.03 30.35
C LYS D 145 -13.98 -44.73 30.51
N VAL D 146 -12.82 -44.66 29.89
CA VAL D 146 -11.96 -43.47 29.92
C VAL D 146 -11.87 -42.88 28.51
N GLN D 147 -12.27 -41.62 28.36
CA GLN D 147 -12.23 -40.96 27.06
C GLN D 147 -11.39 -39.70 26.99
N ARG D 148 -10.93 -39.38 25.78
CA ARG D 148 -10.13 -38.18 25.52
C ARG D 148 -11.09 -37.05 25.16
N GLY D 149 -10.83 -35.88 25.72
CA GLY D 149 -11.69 -34.76 25.44
C GLY D 149 -11.08 -33.47 25.88
N ARG D 150 -11.94 -32.46 26.08
CA ARG D 150 -11.54 -31.15 26.51
C ARG D 150 -12.66 -30.48 27.28
N GLY D 151 -12.30 -29.88 28.40
CA GLY D 151 -13.28 -29.20 29.22
C GLY D 151 -14.17 -30.13 30.02
N TYR D 152 -15.17 -29.54 30.66
CA TYR D 152 -16.17 -30.24 31.47
C TYR D 152 -17.31 -30.60 30.52
N VAL D 153 -17.86 -31.78 30.67
CA VAL D 153 -18.94 -32.26 29.82
C VAL D 153 -19.83 -33.03 30.76
N PRO D 154 -20.90 -32.40 31.24
CA PRO D 154 -21.87 -32.99 32.17
C PRO D 154 -22.44 -34.32 31.69
N ALA D 155 -23.07 -35.05 32.62
CA ALA D 155 -23.65 -36.35 32.34
C ALA D 155 -24.76 -36.30 31.30
N SER D 156 -25.01 -35.09 30.79
CA SER D 156 -26.00 -34.84 29.74
C SER D 156 -25.43 -35.20 28.37
N THR D 157 -25.89 -36.33 27.85
CA THR D 157 -25.46 -36.85 26.55
C THR D 157 -26.45 -37.96 26.18
N ARG D 158 -26.85 -37.97 24.91
CA ARG D 158 -27.80 -38.95 24.36
C ARG D 158 -29.27 -38.55 24.56
N ILE D 159 -30.17 -39.26 23.86
CA ILE D 159 -31.59 -38.97 23.96
C ILE D 159 -32.44 -40.24 23.95
N HIS D 160 -32.07 -41.18 23.08
CA HIS D 160 -32.79 -42.45 22.96
C HIS D 160 -31.85 -43.60 22.62
N GLU D 165 -28.08 -49.56 19.97
CA GLU D 165 -26.75 -49.52 20.65
C GLU D 165 -26.33 -50.90 21.13
N ARG D 166 -25.55 -51.62 20.32
CA ARG D 166 -25.08 -52.94 20.70
C ARG D 166 -24.28 -52.78 22.00
N PRO D 167 -23.16 -52.01 21.96
CA PRO D 167 -22.41 -51.84 23.21
C PRO D 167 -23.14 -50.76 24.02
N ILE D 168 -23.18 -50.87 25.34
CA ILE D 168 -23.91 -49.88 26.14
C ILE D 168 -23.13 -48.99 27.12
N GLY D 169 -23.37 -49.19 28.43
CA GLY D 169 -22.74 -48.40 29.47
C GLY D 169 -23.81 -47.84 30.39
N ARG D 170 -24.12 -48.58 31.45
CA ARG D 170 -25.17 -48.19 32.39
C ARG D 170 -24.99 -46.86 33.13
N LEU D 171 -23.93 -46.72 33.94
CA LEU D 171 -23.73 -45.49 34.72
C LEU D 171 -22.93 -44.36 34.06
N LEU D 172 -23.33 -43.11 34.30
CA LEU D 172 -22.64 -41.97 33.69
C LEU D 172 -22.07 -41.00 34.70
N VAL D 173 -20.86 -40.52 34.43
CA VAL D 173 -20.20 -39.59 35.32
C VAL D 173 -19.73 -38.34 34.56
N ASP D 174 -19.91 -37.17 35.18
CA ASP D 174 -19.52 -35.88 34.60
C ASP D 174 -18.04 -35.87 34.26
N ALA D 175 -17.73 -35.61 32.99
CA ALA D 175 -16.36 -35.60 32.50
C ALA D 175 -15.63 -34.26 32.57
N CYS D 176 -14.52 -34.24 33.29
CA CYS D 176 -13.69 -33.05 33.43
C CYS D 176 -12.41 -33.41 32.69
N TYR D 177 -12.48 -33.35 31.36
CA TYR D 177 -11.37 -33.71 30.50
C TYR D 177 -10.08 -32.90 30.66
N SER D 178 -10.18 -31.66 31.12
CA SER D 178 -8.98 -30.83 31.26
C SER D 178 -7.93 -31.32 32.25
N PRO D 179 -6.65 -31.38 31.82
CA PRO D 179 -5.56 -31.83 32.70
C PRO D 179 -5.07 -30.67 33.55
N VAL D 180 -5.01 -29.50 32.92
CA VAL D 180 -4.57 -28.27 33.58
C VAL D 180 -5.69 -27.77 34.49
N GLU D 181 -5.35 -27.43 35.73
CA GLU D 181 -6.36 -26.98 36.68
C GLU D 181 -6.39 -25.51 37.01
N ARG D 182 -5.22 -24.93 37.22
CA ARG D 182 -5.12 -23.53 37.54
C ARG D 182 -3.79 -22.98 37.00
N ILE D 183 -3.86 -21.80 36.38
CA ILE D 183 -2.68 -21.15 35.82
C ILE D 183 -2.45 -19.76 36.40
N ALA D 184 -1.18 -19.43 36.57
CA ALA D 184 -0.77 -18.14 37.10
C ALA D 184 0.57 -17.85 36.47
N TYR D 185 0.91 -16.58 36.27
CA TYR D 185 2.20 -16.22 35.71
C TYR D 185 2.75 -14.93 36.30
N ASN D 186 4.08 -14.81 36.29
CA ASN D 186 4.77 -13.64 36.81
C ASN D 186 5.85 -13.32 35.78
N VAL D 187 6.08 -12.02 35.54
CA VAL D 187 7.06 -11.61 34.55
C VAL D 187 8.52 -11.45 35.00
N GLU D 188 8.74 -10.98 36.21
CA GLU D 188 10.10 -10.83 36.78
C GLU D 188 11.29 -10.53 35.86
N ALA D 189 12.09 -9.51 36.20
CA ALA D 189 13.28 -9.13 35.41
C ALA D 189 14.30 -10.28 35.33
N ALA D 190 14.56 -10.81 34.13
CA ALA D 190 15.50 -11.92 33.97
C ALA D 190 16.94 -11.64 34.41
N ARG D 191 17.73 -12.71 34.55
CA ARG D 191 19.12 -12.58 34.96
C ARG D 191 20.07 -13.19 33.93
N VAL D 192 20.63 -12.33 33.08
CA VAL D 192 21.57 -12.75 32.05
C VAL D 192 22.87 -11.95 32.10
N GLU D 193 22.88 -10.90 32.93
CA GLU D 193 24.04 -10.02 33.13
C GLU D 193 24.33 -9.02 32.02
N GLN D 194 24.39 -9.49 30.76
CA GLN D 194 24.66 -8.59 29.64
C GLN D 194 23.51 -7.58 29.53
N ARG D 195 22.51 -7.86 28.69
CA ARG D 195 21.34 -6.97 28.61
C ARG D 195 20.60 -7.24 29.93
N THR D 196 20.49 -6.24 30.78
CA THR D 196 19.78 -6.50 32.03
C THR D 196 18.34 -6.03 32.06
N ASP D 197 17.81 -5.66 30.88
CA ASP D 197 16.41 -5.24 30.76
C ASP D 197 15.59 -6.53 30.87
N LEU D 198 15.58 -7.28 29.76
CA LEU D 198 14.92 -8.58 29.57
C LEU D 198 14.18 -9.18 30.77
N ASP D 199 13.09 -9.87 30.48
CA ASP D 199 12.28 -10.52 31.52
C ASP D 199 12.31 -12.03 31.35
N LYS D 200 11.65 -12.74 32.26
CA LYS D 200 11.54 -14.19 32.21
C LYS D 200 10.12 -14.51 32.67
N LEU D 201 9.37 -15.23 31.86
CA LEU D 201 8.01 -15.56 32.21
C LEU D 201 7.94 -16.85 33.04
N VAL D 202 7.38 -16.73 34.25
CA VAL D 202 7.22 -17.88 35.13
C VAL D 202 5.77 -18.35 35.13
N ILE D 203 5.49 -19.47 34.47
CA ILE D 203 4.14 -20.02 34.42
C ILE D 203 3.99 -21.11 35.49
N GLU D 204 3.10 -20.83 36.45
CA GLU D 204 2.80 -21.73 37.56
C GLU D 204 1.63 -22.64 37.16
N MET D 205 1.88 -23.94 37.15
CA MET D 205 0.88 -24.92 36.74
C MET D 205 0.42 -25.84 37.88
N GLU D 206 -0.86 -26.19 37.86
CA GLU D 206 -1.46 -27.12 38.82
C GLU D 206 -2.25 -28.06 37.92
N THR D 207 -1.61 -29.14 37.53
CA THR D 207 -2.22 -30.12 36.65
C THR D 207 -2.88 -31.28 37.41
N ASN D 208 -3.43 -32.25 36.68
CA ASN D 208 -4.05 -33.41 37.30
C ASN D 208 -3.11 -34.59 37.17
N GLY D 209 -1.88 -34.30 36.77
CA GLY D 209 -0.87 -35.32 36.63
C GLY D 209 -0.82 -36.01 35.29
N THR D 210 -1.95 -36.03 34.59
CA THR D 210 -2.02 -36.68 33.28
C THR D 210 -1.22 -35.95 32.21
N ILE D 211 -0.70 -34.76 32.53
CA ILE D 211 0.08 -33.99 31.57
C ILE D 211 1.31 -33.40 32.20
N ASP D 212 2.43 -33.47 31.48
CA ASP D 212 3.70 -32.92 31.94
C ASP D 212 3.69 -31.42 31.73
N PRO D 213 4.33 -30.66 32.63
CA PRO D 213 4.40 -29.19 32.52
C PRO D 213 4.91 -28.70 31.14
N GLU D 214 6.11 -29.13 30.75
CA GLU D 214 6.68 -28.73 29.46
C GLU D 214 5.80 -29.09 28.27
N GLU D 215 5.14 -30.25 28.30
CA GLU D 215 4.29 -30.64 27.17
C GLU D 215 2.99 -29.87 27.17
N ALA D 216 2.60 -29.35 28.33
CA ALA D 216 1.39 -28.57 28.46
C ALA D 216 1.66 -27.22 27.80
N ILE D 217 2.90 -26.75 27.94
CA ILE D 217 3.32 -25.49 27.34
C ILE D 217 3.50 -25.65 25.84
N ARG D 218 4.19 -26.69 25.42
CA ARG D 218 4.43 -26.92 24.01
C ARG D 218 3.18 -27.25 23.22
N ARG D 219 2.07 -27.49 23.91
CA ARG D 219 0.82 -27.80 23.26
C ARG D 219 0.00 -26.52 23.21
N ALA D 220 0.23 -25.65 24.19
CA ALA D 220 -0.46 -24.37 24.28
C ALA D 220 0.08 -23.51 23.16
N ALA D 221 1.41 -23.48 23.07
CA ALA D 221 2.12 -22.73 22.04
C ALA D 221 1.69 -23.22 20.66
N THR D 222 1.59 -24.54 20.49
CA THR D 222 1.18 -25.13 19.21
C THR D 222 -0.26 -24.76 18.83
N ILE D 223 -1.15 -24.61 19.80
CA ILE D 223 -2.52 -24.25 19.47
C ILE D 223 -2.54 -22.80 19.04
N LEU D 224 -1.71 -21.99 19.69
CA LEU D 224 -1.57 -20.56 19.40
C LEU D 224 -1.01 -20.39 18.00
N ALA D 225 0.19 -20.90 17.78
CA ALA D 225 0.89 -20.84 16.50
C ALA D 225 0.05 -21.36 15.32
N GLU D 226 -0.74 -22.40 15.54
CA GLU D 226 -1.57 -22.94 14.47
C GLU D 226 -2.79 -22.08 14.17
N GLN D 227 -3.19 -21.22 15.11
CA GLN D 227 -4.33 -20.34 14.89
C GLN D 227 -3.90 -19.25 13.91
N LEU D 228 -2.62 -18.91 14.00
CA LEU D 228 -1.98 -17.89 13.19
C LEU D 228 -1.47 -18.38 11.83
N GLU D 229 -1.71 -19.64 11.49
CA GLU D 229 -1.23 -20.18 10.21
C GLU D 229 -1.63 -19.42 8.94
N ALA D 230 -2.80 -18.76 8.95
CA ALA D 230 -3.26 -18.01 7.79
C ALA D 230 -2.64 -16.63 7.67
N PHE D 231 -1.83 -16.26 8.67
CA PHE D 231 -1.16 -14.95 8.69
C PHE D 231 0.35 -15.08 8.89
N VAL D 232 0.93 -16.25 8.71
CA VAL D 232 2.35 -16.39 8.99
C VAL D 232 3.23 -17.05 7.94
N ASP D 233 3.07 -18.36 7.75
CA ASP D 233 3.85 -19.15 6.78
C ASP D 233 3.33 -20.59 6.71
N LEU D 234 3.22 -21.23 7.87
CA LEU D 234 2.73 -22.60 7.95
C LEU D 234 1.33 -22.66 7.36
N ARG D 235 1.21 -23.39 6.25
CA ARG D 235 -0.07 -23.57 5.53
C ARG D 235 -0.45 -22.31 4.76
#